data_2OBZ
# 
_entry.id   2OBZ 
# 
_audit_conform.dict_name       mmcif_pdbx.dic 
_audit_conform.dict_version    5.383 
_audit_conform.dict_location   http://mmcif.pdb.org/dictionaries/ascii/mmcif_pdbx.dic 
# 
loop_
_database_2.database_id 
_database_2.database_code 
_database_2.pdbx_database_accession 
_database_2.pdbx_DOI 
PDB   2OBZ         pdb_00002obz 10.2210/pdb2obz/pdb 
NDB   ZD0023       ?            ?                   
RCSB  RCSB040944   ?            ?                   
WWPDB D_1000040944 ?            ?                   
# 
loop_
_pdbx_audit_revision_history.ordinal 
_pdbx_audit_revision_history.data_content_type 
_pdbx_audit_revision_history.major_revision 
_pdbx_audit_revision_history.minor_revision 
_pdbx_audit_revision_history.revision_date 
1 'Structure model' 1 0 2007-12-25 
2 'Structure model' 1 1 2011-07-13 
3 'Structure model' 1 2 2023-12-27 
# 
_pdbx_audit_revision_details.ordinal             1 
_pdbx_audit_revision_details.revision_ordinal    1 
_pdbx_audit_revision_details.data_content_type   'Structure model' 
_pdbx_audit_revision_details.provider            repository 
_pdbx_audit_revision_details.type                'Initial release' 
_pdbx_audit_revision_details.description         ? 
_pdbx_audit_revision_details.details             ? 
# 
loop_
_pdbx_audit_revision_group.ordinal 
_pdbx_audit_revision_group.revision_ordinal 
_pdbx_audit_revision_group.data_content_type 
_pdbx_audit_revision_group.group 
1 2 'Structure model' 'Version format compliance' 
2 3 'Structure model' 'Data collection'           
3 3 'Structure model' 'Database references'       
4 3 'Structure model' 'Derived calculations'      
# 
loop_
_pdbx_audit_revision_category.ordinal 
_pdbx_audit_revision_category.revision_ordinal 
_pdbx_audit_revision_category.data_content_type 
_pdbx_audit_revision_category.category 
1 3 'Structure model' chem_comp_atom 
2 3 'Structure model' chem_comp_bond 
3 3 'Structure model' database_2     
4 3 'Structure model' struct_conn    
# 
loop_
_pdbx_audit_revision_item.ordinal 
_pdbx_audit_revision_item.revision_ordinal 
_pdbx_audit_revision_item.data_content_type 
_pdbx_audit_revision_item.item 
1 3 'Structure model' '_database_2.pdbx_DOI'                
2 3 'Structure model' '_database_2.pdbx_database_accession' 
3 3 'Structure model' '_struct_conn.pdbx_leaving_atom_flag' 
# 
_pdbx_database_status.status_code                     REL 
_pdbx_database_status.entry_id                        2OBZ 
_pdbx_database_status.recvd_initial_deposition_date   2006-12-20 
_pdbx_database_status.deposit_site                    RCSB 
_pdbx_database_status.process_site                    RCSB 
_pdbx_database_status.status_code_sf                  REL 
_pdbx_database_status.status_code_mr                  ? 
_pdbx_database_status.SG_entry                        ? 
_pdbx_database_status.pdb_format_compatible           Y 
_pdbx_database_status.status_code_cs                  ? 
_pdbx_database_status.status_code_nmr_data            ? 
_pdbx_database_status.methods_development_category    ? 
# 
loop_
_audit_author.name 
_audit_author.pdbx_ordinal 
'Schiltz, M.'    1 
'Sanishvili, R.' 2 
# 
_citation.id                        primary 
_citation.title                     
;Polarisation-dependence of anomalous scattering in brominated DNA and RNA molecules, and importance of crystal orientation in SAD and MAD phasing
;
_citation.journal_abbrev            'To be Published' 
_citation.journal_volume            ? 
_citation.page_first                ? 
_citation.page_last                 ? 
_citation.year                      ? 
_citation.journal_id_ASTM           ? 
_citation.country                   ? 
_citation.journal_id_ISSN           ? 
_citation.journal_id_CSD            0353 
_citation.book_publisher            ? 
_citation.pdbx_database_id_PubMed   ? 
_citation.pdbx_database_id_DOI      ? 
# 
loop_
_citation_author.citation_id 
_citation_author.name 
_citation_author.ordinal 
_citation_author.identifier_ORCID 
primary 'Sanishvili, R.' 1 ? 
primary 'Besnard, C.'    2 ? 
primary 'Camus, F.'      3 ? 
primary 'Fleurant, M.'   4 ? 
primary 'Pattison, P.'   5 ? 
primary 'Bricongne, G.'  6 ? 
primary 'Schiltz, M.'    7 ? 
# 
loop_
_entity.id 
_entity.type 
_entity.src_method 
_entity.pdbx_description 
_entity.formula_weight 
_entity.pdbx_number_of_molecules 
_entity.pdbx_ec 
_entity.pdbx_mutation 
_entity.pdbx_fragment 
_entity.details 
1 polymer syn "5'-D(*CP*GP*CP*GP*(BRU)P*G)-3'" 1890.086 2  ? ? ? 'Brominated Z-DNA duplex' 
2 water   nat water                            18.015   54 ? ? ? ?                         
# 
_entity_poly.entity_id                      1 
_entity_poly.type                           polydeoxyribonucleotide 
_entity_poly.nstd_linkage                   no 
_entity_poly.nstd_monomer                   yes 
_entity_poly.pdbx_seq_one_letter_code       '(DC)(DG)(DC)(DG)(BRU)(DG)' 
_entity_poly.pdbx_seq_one_letter_code_can   CGCGUG 
_entity_poly.pdbx_strand_id                 A,B 
_entity_poly.pdbx_target_identifier         ? 
# 
_pdbx_entity_nonpoly.entity_id   2 
_pdbx_entity_nonpoly.name        water 
_pdbx_entity_nonpoly.comp_id     HOH 
# 
loop_
_entity_poly_seq.entity_id 
_entity_poly_seq.num 
_entity_poly_seq.mon_id 
_entity_poly_seq.hetero 
1 1 DC  n 
1 2 DG  n 
1 3 DC  n 
1 4 DG  n 
1 5 BRU n 
1 6 DG  n 
# 
loop_
_chem_comp.id 
_chem_comp.type 
_chem_comp.mon_nstd_flag 
_chem_comp.name 
_chem_comp.pdbx_synonyms 
_chem_comp.formula 
_chem_comp.formula_weight 
BRU 'DNA linking' n "5-BROMO-2'-DEOXYURIDINE-5'-MONOPHOSPHATE" ? 'C9 H12 Br N2 O8 P' 387.078 
DC  'DNA linking' y "2'-DEOXYCYTIDINE-5'-MONOPHOSPHATE"        ? 'C9 H14 N3 O7 P'    307.197 
DG  'DNA linking' y "2'-DEOXYGUANOSINE-5'-MONOPHOSPHATE"       ? 'C10 H14 N5 O7 P'   347.221 
HOH non-polymer   . WATER                                      ? 'H2 O'              18.015  
# 
loop_
_pdbx_poly_seq_scheme.asym_id 
_pdbx_poly_seq_scheme.entity_id 
_pdbx_poly_seq_scheme.seq_id 
_pdbx_poly_seq_scheme.mon_id 
_pdbx_poly_seq_scheme.ndb_seq_num 
_pdbx_poly_seq_scheme.pdb_seq_num 
_pdbx_poly_seq_scheme.auth_seq_num 
_pdbx_poly_seq_scheme.pdb_mon_id 
_pdbx_poly_seq_scheme.auth_mon_id 
_pdbx_poly_seq_scheme.pdb_strand_id 
_pdbx_poly_seq_scheme.pdb_ins_code 
_pdbx_poly_seq_scheme.hetero 
A 1 1 DC  1 1  1  DC  C   A . n 
A 1 2 DG  2 2  2  DG  G   A . n 
A 1 3 DC  3 3  3  DC  C   A . n 
A 1 4 DG  4 4  4  DG  G   A . n 
A 1 5 BRU 5 5  5  BRU BRU A . n 
A 1 6 DG  6 6  6  DG  G   A . n 
B 1 1 DC  1 7  7  DC  C   B . n 
B 1 2 DG  2 8  8  DG  G   B . n 
B 1 3 DC  3 9  9  DC  C   B . n 
B 1 4 DG  4 10 10 DG  G   B . n 
B 1 5 BRU 5 11 11 BRU BRU B . n 
B 1 6 DG  6 12 12 DG  G   B . n 
# 
loop_
_pdbx_nonpoly_scheme.asym_id 
_pdbx_nonpoly_scheme.entity_id 
_pdbx_nonpoly_scheme.mon_id 
_pdbx_nonpoly_scheme.ndb_seq_num 
_pdbx_nonpoly_scheme.pdb_seq_num 
_pdbx_nonpoly_scheme.auth_seq_num 
_pdbx_nonpoly_scheme.pdb_mon_id 
_pdbx_nonpoly_scheme.auth_mon_id 
_pdbx_nonpoly_scheme.pdb_strand_id 
_pdbx_nonpoly_scheme.pdb_ins_code 
C 2 HOH 1  7  102 HOH HOH A . 
C 2 HOH 2  8  105 HOH HOH A . 
C 2 HOH 3  9  106 HOH HOH A . 
C 2 HOH 4  10 108 HOH HOH A . 
C 2 HOH 5  11 109 HOH HOH A . 
C 2 HOH 6  12 110 HOH HOH A . 
C 2 HOH 7  13 112 HOH HOH A . 
C 2 HOH 8  14 115 HOH HOH A . 
C 2 HOH 9  15 120 HOH HOH A . 
C 2 HOH 10 16 121 HOH HOH A . 
C 2 HOH 11 17 123 HOH HOH A . 
C 2 HOH 12 18 126 HOH HOH A . 
C 2 HOH 13 19 129 HOH HOH A . 
C 2 HOH 14 20 130 HOH HOH A . 
C 2 HOH 15 21 135 HOH HOH A . 
C 2 HOH 16 22 136 HOH HOH A . 
C 2 HOH 17 23 142 HOH HOH A . 
C 2 HOH 18 24 144 HOH HOH A . 
C 2 HOH 19 25 149 HOH HOH A . 
C 2 HOH 20 26 151 HOH HOH A . 
D 2 HOH 1  13 101 HOH HOH B . 
D 2 HOH 2  14 103 HOH HOH B . 
D 2 HOH 3  15 104 HOH HOH B . 
D 2 HOH 4  16 107 HOH HOH B . 
D 2 HOH 5  17 111 HOH HOH B . 
D 2 HOH 6  18 113 HOH HOH B . 
D 2 HOH 7  19 114 HOH HOH B . 
D 2 HOH 8  20 116 HOH HOH B . 
D 2 HOH 9  21 117 HOH HOH B . 
D 2 HOH 10 22 118 HOH HOH B . 
D 2 HOH 11 23 119 HOH HOH B . 
D 2 HOH 12 24 122 HOH HOH B . 
D 2 HOH 13 25 124 HOH HOH B . 
D 2 HOH 14 26 125 HOH HOH B . 
D 2 HOH 15 27 127 HOH HOH B . 
D 2 HOH 16 28 128 HOH HOH B . 
D 2 HOH 17 29 131 HOH HOH B . 
D 2 HOH 18 30 132 HOH HOH B . 
D 2 HOH 19 31 133 HOH HOH B . 
D 2 HOH 20 32 134 HOH HOH B . 
D 2 HOH 21 33 137 HOH HOH B . 
D 2 HOH 22 34 138 HOH HOH B . 
D 2 HOH 23 35 139 HOH HOH B . 
D 2 HOH 24 36 140 HOH HOH B . 
D 2 HOH 25 37 141 HOH HOH B . 
D 2 HOH 26 38 143 HOH HOH B . 
D 2 HOH 27 39 145 HOH HOH B . 
D 2 HOH 28 40 146 HOH HOH B . 
D 2 HOH 29 41 147 HOH HOH B . 
D 2 HOH 30 42 148 HOH HOH B . 
D 2 HOH 31 43 150 HOH HOH B . 
D 2 HOH 32 44 152 HOH HOH B . 
D 2 HOH 33 45 153 HOH HOH B . 
D 2 HOH 34 46 154 HOH HOH B . 
# 
loop_
_software.name 
_software.classification 
_software.version 
_software.citation_id 
_software.pdbx_ordinal 
REFMAC refinement        5.2.0019 ? 1 
ADSC   'data collection' Quantum  ? 2 
MOSFLM 'data reduction'  .        ? 3 
SCALA  'data scaling'    .        ? 4 
SHARP  phasing           .        ? 5 
# 
_cell.entry_id           2OBZ 
_cell.length_a           17.339 
_cell.length_b           32.074 
_cell.length_c           44.341 
_cell.angle_alpha        90.00 
_cell.angle_beta         90.00 
_cell.angle_gamma        90.00 
_cell.Z_PDB              8 
_cell.pdbx_unique_axis   ? 
_cell.length_a_esd       ? 
_cell.length_b_esd       ? 
_cell.length_c_esd       ? 
_cell.angle_alpha_esd    ? 
_cell.angle_beta_esd     ? 
_cell.angle_gamma_esd    ? 
# 
_symmetry.entry_id                         2OBZ 
_symmetry.space_group_name_H-M             'P 21 21 21' 
_symmetry.pdbx_full_space_group_name_H-M   ? 
_symmetry.cell_setting                     ? 
_symmetry.Int_Tables_number                19 
_symmetry.space_group_name_Hall            ? 
# 
_exptl.entry_id          2OBZ 
_exptl.method            'X-RAY DIFFRACTION' 
_exptl.crystals_number   1 
# 
_exptl_crystal.id                    1 
_exptl_crystal.density_meas          ? 
_exptl_crystal.density_Matthews      1.63 
_exptl_crystal.density_percent_sol   24.58 
_exptl_crystal.description           ? 
_exptl_crystal.F_000                 ? 
_exptl_crystal.preparation           ? 
# 
_diffrn.id                     1 
_diffrn.ambient_temp           100 
_diffrn.ambient_temp_details   ? 
_diffrn.crystal_id             1 
# 
_diffrn_detector.diffrn_id              1 
_diffrn_detector.detector               ? 
_diffrn_detector.type                   ? 
_diffrn_detector.pdbx_collection_date   2000-03-01 
_diffrn_detector.details                ? 
# 
_diffrn_radiation.diffrn_id                        1 
_diffrn_radiation.wavelength_id                    1 
_diffrn_radiation.pdbx_monochromatic_or_laue_m_l   M 
_diffrn_radiation.monochromator                    'Si(111)' 
_diffrn_radiation.pdbx_diffrn_protocol             'SINGLE WAVELENGTH' 
_diffrn_radiation.pdbx_scattering_type             x-ray 
# 
_diffrn_radiation_wavelength.id           1 
_diffrn_radiation_wavelength.wavelength   0.9199 
_diffrn_radiation_wavelength.wt           1.0 
# 
_diffrn_source.diffrn_id                   1 
_diffrn_source.source                      SYNCHROTRON 
_diffrn_source.type                        'APS BEAMLINE 19-ID' 
_diffrn_source.pdbx_synchrotron_site       APS 
_diffrn_source.pdbx_synchrotron_beamline   19-ID 
_diffrn_source.pdbx_wavelength             ? 
_diffrn_source.pdbx_wavelength_list        0.9199 
# 
_reflns.entry_id                     2OBZ 
_reflns.observed_criterion_sigma_F   0 
_reflns.observed_criterion_sigma_I   1.5 
_reflns.d_resolution_high            1.1 
_reflns.d_resolution_low             26 
_reflns.number_all                   10059 
_reflns.number_obs                   9673 
_reflns.percent_possible_obs         96.164 
_reflns.pdbx_Rmerge_I_obs            ? 
_reflns.pdbx_Rsym_value              ? 
_reflns.pdbx_netI_over_sigmaI        ? 
_reflns.B_iso_Wilson_estimate        ? 
_reflns.pdbx_redundancy              ? 
_reflns.R_free_details               ? 
_reflns.pdbx_chi_squared             ? 
_reflns.pdbx_scaling_rejects         ? 
_reflns.pdbx_diffrn_id               1 
_reflns.pdbx_ordinal                 1 
# 
_reflns_shell.d_res_high             1.1 
_reflns_shell.d_res_low              ? 
_reflns_shell.percent_possible_all   ? 
_reflns_shell.Rmerge_I_obs           ? 
_reflns_shell.pdbx_Rsym_value        ? 
_reflns_shell.meanI_over_sigI_obs    ? 
_reflns_shell.pdbx_redundancy        ? 
_reflns_shell.percent_possible_obs   ? 
_reflns_shell.number_unique_all      ? 
_reflns_shell.number_measured_all    ? 
_reflns_shell.number_measured_obs    ? 
_reflns_shell.number_unique_obs      ? 
_reflns_shell.pdbx_chi_squared       ? 
_reflns_shell.pdbx_diffrn_id         ? 
_reflns_shell.pdbx_ordinal           1 
# 
_refine.entry_id                                 2OBZ 
_refine.ls_number_reflns_obs                     9673 
_refine.ls_number_reflns_all                     ? 
_refine.pdbx_ls_sigma_I                          ? 
_refine.pdbx_ls_sigma_F                          ? 
_refine.pdbx_data_cutoff_high_absF               ? 
_refine.pdbx_data_cutoff_low_absF                ? 
_refine.pdbx_data_cutoff_high_rms_absF           ? 
_refine.ls_d_res_low                             25.98 
_refine.ls_d_res_high                            1.10 
_refine.ls_percent_reflns_obs                    96.16 
_refine.ls_R_factor_obs                          0.20227 
_refine.ls_R_factor_all                          ? 
_refine.ls_R_factor_R_work                       0.20172 
_refine.ls_R_factor_R_free                       0.21332 
_refine.ls_R_factor_R_free_error                 ? 
_refine.ls_R_factor_R_free_error_details         ? 
_refine.ls_percent_reflns_R_free                 4.7 
_refine.ls_number_reflns_R_free                  482 
_refine.ls_number_parameters                     ? 
_refine.ls_number_restraints                     ? 
_refine.occupancy_min                            ? 
_refine.occupancy_max                            ? 
_refine.correlation_coeff_Fo_to_Fc               0.955 
_refine.correlation_coeff_Fo_to_Fc_free          0.957 
_refine.B_iso_mean                               8.100 
_refine.aniso_B[1][1]                            0.53 
_refine.aniso_B[2][2]                            0.32 
_refine.aniso_B[3][3]                            -0.85 
_refine.aniso_B[1][2]                            0.00 
_refine.aniso_B[1][3]                            0.00 
_refine.aniso_B[2][3]                            0.00 
_refine.solvent_model_details                    MASK 
_refine.solvent_model_param_ksol                 ? 
_refine.solvent_model_param_bsol                 ? 
_refine.pdbx_solvent_vdw_probe_radii             1.40 
_refine.pdbx_solvent_ion_probe_radii             0.80 
_refine.pdbx_solvent_shrinkage_radii             0.80 
_refine.pdbx_ls_cross_valid_method               THROUGHOUT 
_refine.details                                  'HYDROGENS HAVE BEEN ADDED IN THE RIDING POSITIONS' 
_refine.pdbx_starting_model                      ? 
_refine.pdbx_method_to_determine_struct          SAD 
_refine.pdbx_isotropic_thermal_model             ? 
_refine.pdbx_stereochemistry_target_values       'MAXIMUM LIKELIHOOD' 
_refine.pdbx_stereochem_target_val_spec_case     ? 
_refine.pdbx_R_Free_selection_details            RANDOM 
_refine.pdbx_overall_ESU_R                       0.046 
_refine.pdbx_overall_ESU_R_Free                  0.042 
_refine.overall_SU_ML                            0.026 
_refine.overall_SU_B                             1.093 
_refine.ls_redundancy_reflns_obs                 ? 
_refine.overall_SU_R_Cruickshank_DPI             ? 
_refine.overall_SU_R_free                        ? 
_refine.ls_wR_factor_R_free                      ? 
_refine.ls_wR_factor_R_work                      ? 
_refine.overall_FOM_free_R_set                   ? 
_refine.overall_FOM_work_R_set                   ? 
_refine.pdbx_refine_id                           'X-RAY DIFFRACTION' 
_refine.pdbx_diffrn_id                           1 
_refine.pdbx_TLS_residual_ADP_flag               ? 
_refine.pdbx_overall_phase_error                 ? 
_refine.pdbx_overall_SU_R_free_Cruickshank_DPI   ? 
_refine.pdbx_overall_SU_R_Blow_DPI               ? 
_refine.pdbx_overall_SU_R_free_Blow_DPI          ? 
# 
_refine_hist.pdbx_refine_id                   'X-RAY DIFFRACTION' 
_refine_hist.cycle_id                         LAST 
_refine_hist.pdbx_number_atoms_protein        0 
_refine_hist.pdbx_number_atoms_nucleic_acid   242 
_refine_hist.pdbx_number_atoms_ligand         0 
_refine_hist.number_atoms_solvent             54 
_refine_hist.number_atoms_total               296 
_refine_hist.d_res_high                       1.10 
_refine_hist.d_res_low                        25.98 
# 
loop_
_refine_ls_restr.type 
_refine_ls_restr.dev_ideal 
_refine_ls_restr.dev_ideal_target 
_refine_ls_restr.weight 
_refine_ls_restr.number 
_refine_ls_restr.pdbx_refine_id 
_refine_ls_restr.pdbx_restraint_function 
r_bond_refined_d             0.007 0.021 ? 270 'X-RAY DIFFRACTION' ? 
r_bond_other_d               0.003 0.020 ? 112 'X-RAY DIFFRACTION' ? 
r_angle_refined_deg          1.686 3.000 ? 414 'X-RAY DIFFRACTION' ? 
r_angle_other_deg            1.177 3.000 ? 280 'X-RAY DIFFRACTION' ? 
r_dihedral_angle_1_deg       ?     ?     ? ?   'X-RAY DIFFRACTION' ? 
r_dihedral_angle_2_deg       ?     ?     ? ?   'X-RAY DIFFRACTION' ? 
r_dihedral_angle_3_deg       ?     ?     ? ?   'X-RAY DIFFRACTION' ? 
r_dihedral_angle_4_deg       ?     ?     ? ?   'X-RAY DIFFRACTION' ? 
r_chiral_restr               0.068 0.200 ? 44  'X-RAY DIFFRACTION' ? 
r_gen_planes_refined         0.008 0.020 ? 128 'X-RAY DIFFRACTION' ? 
r_gen_planes_other           0.001 0.020 ? 24  'X-RAY DIFFRACTION' ? 
r_nbd_refined                0.131 0.200 ? 42  'X-RAY DIFFRACTION' ? 
r_nbd_other                  0.270 0.200 ? 132 'X-RAY DIFFRACTION' ? 
r_nbtor_refined              0.276 0.200 ? 76  'X-RAY DIFFRACTION' ? 
r_nbtor_other                0.072 0.200 ? 73  'X-RAY DIFFRACTION' ? 
r_xyhbond_nbd_refined        0.075 0.200 ? 45  'X-RAY DIFFRACTION' ? 
r_xyhbond_nbd_other          ?     ?     ? ?   'X-RAY DIFFRACTION' ? 
r_metal_ion_refined          ?     ?     ? ?   'X-RAY DIFFRACTION' ? 
r_metal_ion_other            ?     ?     ? ?   'X-RAY DIFFRACTION' ? 
r_symmetry_vdw_refined       0.098 0.200 ? 4   'X-RAY DIFFRACTION' ? 
r_symmetry_vdw_other         0.223 0.200 ? 20  'X-RAY DIFFRACTION' ? 
r_symmetry_hbond_refined     0.091 0.200 ? 11  'X-RAY DIFFRACTION' ? 
r_symmetry_hbond_other       ?     ?     ? ?   'X-RAY DIFFRACTION' ? 
r_symmetry_metal_ion_refined ?     ?     ? ?   'X-RAY DIFFRACTION' ? 
r_symmetry_metal_ion_other   ?     ?     ? ?   'X-RAY DIFFRACTION' ? 
r_mcbond_it                  ?     ?     ? ?   'X-RAY DIFFRACTION' ? 
r_mcbond_other               ?     ?     ? ?   'X-RAY DIFFRACTION' ? 
r_mcangle_it                 ?     ?     ? ?   'X-RAY DIFFRACTION' ? 
r_scbond_it                  1.786 3.000 ? 412 'X-RAY DIFFRACTION' ? 
r_scangle_it                 1.849 4.500 ? 414 'X-RAY DIFFRACTION' ? 
r_rigid_bond_restr           1.050 3.000 ? 412 'X-RAY DIFFRACTION' ? 
r_sphericity_free            ?     ?     ? ?   'X-RAY DIFFRACTION' ? 
r_sphericity_bonded          2.993 3.000 ? 242 'X-RAY DIFFRACTION' ? 
# 
_refine_ls_shell.pdbx_total_number_of_bins_used   20 
_refine_ls_shell.d_res_high                       1.100 
_refine_ls_shell.d_res_low                        1.129 
_refine_ls_shell.number_reflns_R_work             473 
_refine_ls_shell.R_factor_R_work                  0.269 
_refine_ls_shell.percent_reflns_obs               65.48 
_refine_ls_shell.R_factor_R_free                  0.302 
_refine_ls_shell.R_factor_R_free_error            ? 
_refine_ls_shell.percent_reflns_R_free            ? 
_refine_ls_shell.number_reflns_R_free             24 
_refine_ls_shell.number_reflns_all                ? 
_refine_ls_shell.R_factor_all                     ? 
_refine_ls_shell.number_reflns_obs                ? 
_refine_ls_shell.redundancy_reflns_obs            ? 
_refine_ls_shell.pdbx_refine_id                   'X-RAY DIFFRACTION' 
# 
_struct.entry_id                  2OBZ 
_struct.title                     'Crystal structure of the The brominated Z-DNA duplex d(CGCG[BrU]G)' 
_struct.pdbx_model_details        ? 
_struct.pdbx_CASP_flag            ? 
_struct.pdbx_model_type_details   ? 
# 
_struct_keywords.entry_id        2OBZ 
_struct_keywords.pdbx_keywords   DNA 
_struct_keywords.text            'brominated DNA z-DNA, DNA' 
# 
loop_
_struct_asym.id 
_struct_asym.pdbx_blank_PDB_chainid_flag 
_struct_asym.pdbx_modified 
_struct_asym.entity_id 
_struct_asym.details 
A N N 1 ? 
B N N 1 ? 
C N N 2 ? 
D N N 2 ? 
# 
_struct_ref.id                         1 
_struct_ref.entity_id                  1 
_struct_ref.db_name                    PDB 
_struct_ref.db_code                    2OBZ 
_struct_ref.pdbx_db_accession          2OBZ 
_struct_ref.pdbx_db_isoform            ? 
_struct_ref.pdbx_seq_one_letter_code   ? 
_struct_ref.pdbx_align_begin           ? 
# 
loop_
_struct_ref_seq.align_id 
_struct_ref_seq.ref_id 
_struct_ref_seq.pdbx_PDB_id_code 
_struct_ref_seq.pdbx_strand_id 
_struct_ref_seq.seq_align_beg 
_struct_ref_seq.pdbx_seq_align_beg_ins_code 
_struct_ref_seq.seq_align_end 
_struct_ref_seq.pdbx_seq_align_end_ins_code 
_struct_ref_seq.pdbx_db_accession 
_struct_ref_seq.db_align_beg 
_struct_ref_seq.pdbx_db_align_beg_ins_code 
_struct_ref_seq.db_align_end 
_struct_ref_seq.pdbx_db_align_end_ins_code 
_struct_ref_seq.pdbx_auth_seq_align_beg 
_struct_ref_seq.pdbx_auth_seq_align_end 
1 1 2OBZ A 1 ? 6 ? 2OBZ 1 ? 6  ? 1 6  
2 1 2OBZ B 1 ? 6 ? 2OBZ 7 ? 12 ? 7 12 
# 
_pdbx_struct_assembly.id                   1 
_pdbx_struct_assembly.details              author_defined_assembly 
_pdbx_struct_assembly.method_details       ? 
_pdbx_struct_assembly.oligomeric_details   dimeric 
_pdbx_struct_assembly.oligomeric_count     2 
# 
_pdbx_struct_assembly_gen.assembly_id       1 
_pdbx_struct_assembly_gen.oper_expression   1 
_pdbx_struct_assembly_gen.asym_id_list      A,B,C,D 
# 
_pdbx_struct_oper_list.id                   1 
_pdbx_struct_oper_list.type                 'identity operation' 
_pdbx_struct_oper_list.name                 1_555 
_pdbx_struct_oper_list.symmetry_operation   x,y,z 
_pdbx_struct_oper_list.matrix[1][1]         1.0000000000 
_pdbx_struct_oper_list.matrix[1][2]         0.0000000000 
_pdbx_struct_oper_list.matrix[1][3]         0.0000000000 
_pdbx_struct_oper_list.vector[1]            0.0000000000 
_pdbx_struct_oper_list.matrix[2][1]         0.0000000000 
_pdbx_struct_oper_list.matrix[2][2]         1.0000000000 
_pdbx_struct_oper_list.matrix[2][3]         0.0000000000 
_pdbx_struct_oper_list.vector[2]            0.0000000000 
_pdbx_struct_oper_list.matrix[3][1]         0.0000000000 
_pdbx_struct_oper_list.matrix[3][2]         0.0000000000 
_pdbx_struct_oper_list.matrix[3][3]         1.0000000000 
_pdbx_struct_oper_list.vector[3]            0.0000000000 
# 
_struct_biol.id        1 
_struct_biol.details   'The biological unit is a duplex' 
# 
loop_
_struct_conn.id 
_struct_conn.conn_type_id 
_struct_conn.pdbx_leaving_atom_flag 
_struct_conn.pdbx_PDB_id 
_struct_conn.ptnr1_label_asym_id 
_struct_conn.ptnr1_label_comp_id 
_struct_conn.ptnr1_label_seq_id 
_struct_conn.ptnr1_label_atom_id 
_struct_conn.pdbx_ptnr1_label_alt_id 
_struct_conn.pdbx_ptnr1_PDB_ins_code 
_struct_conn.pdbx_ptnr1_standard_comp_id 
_struct_conn.ptnr1_symmetry 
_struct_conn.ptnr2_label_asym_id 
_struct_conn.ptnr2_label_comp_id 
_struct_conn.ptnr2_label_seq_id 
_struct_conn.ptnr2_label_atom_id 
_struct_conn.pdbx_ptnr2_label_alt_id 
_struct_conn.pdbx_ptnr2_PDB_ins_code 
_struct_conn.ptnr1_auth_asym_id 
_struct_conn.ptnr1_auth_comp_id 
_struct_conn.ptnr1_auth_seq_id 
_struct_conn.ptnr2_auth_asym_id 
_struct_conn.ptnr2_auth_comp_id 
_struct_conn.ptnr2_auth_seq_id 
_struct_conn.ptnr2_symmetry 
_struct_conn.pdbx_ptnr3_label_atom_id 
_struct_conn.pdbx_ptnr3_label_seq_id 
_struct_conn.pdbx_ptnr3_label_comp_id 
_struct_conn.pdbx_ptnr3_label_asym_id 
_struct_conn.pdbx_ptnr3_label_alt_id 
_struct_conn.pdbx_ptnr3_PDB_ins_code 
_struct_conn.details 
_struct_conn.pdbx_dist_value 
_struct_conn.pdbx_value_order 
_struct_conn.pdbx_role 
covale1  covale both ? A DG  4 "O3'" ? ? ? 1_555 A BRU 5 P  ? ? A DG  4  A BRU 5  1_555 ? ? ? ? ? ? ?            1.595 ? ? 
covale2  covale both ? A BRU 5 "O3'" ? ? ? 1_555 A DG  6 P  ? ? A BRU 5  A DG  6  1_555 ? ? ? ? ? ? ?            1.586 ? ? 
covale3  covale both ? B DG  4 "O3'" ? ? ? 1_555 B BRU 5 P  ? ? B DG  10 B BRU 11 1_555 ? ? ? ? ? ? ?            1.591 ? ? 
covale4  covale both ? B BRU 5 "O3'" ? ? ? 1_555 B DG  6 P  ? ? B BRU 11 B DG  12 1_555 ? ? ? ? ? ? ?            1.600 ? ? 
hydrog1  hydrog ?    ? A DC  1 N3    ? ? ? 1_555 B DG  6 N1 ? ? A DC  1  B DG  12 1_555 ? ? ? ? ? ? WATSON-CRICK ?     ? ? 
hydrog2  hydrog ?    ? A DC  1 N4    ? ? ? 1_555 B DG  6 O6 ? ? A DC  1  B DG  12 1_555 ? ? ? ? ? ? WATSON-CRICK ?     ? ? 
hydrog3  hydrog ?    ? A DC  1 O2    ? ? ? 1_555 B DG  6 N2 ? ? A DC  1  B DG  12 1_555 ? ? ? ? ? ? WATSON-CRICK ?     ? ? 
hydrog4  hydrog ?    ? A DG  2 N1    ? ? ? 1_555 B BRU 5 O2 ? ? A DG  2  B BRU 11 1_555 ? ? ? ? ? ? TYPE_28_PAIR ?     ? ? 
hydrog5  hydrog ?    ? A DG  2 O6    ? ? ? 1_555 B BRU 5 N3 ? ? A DG  2  B BRU 11 1_555 ? ? ? ? ? ? TYPE_28_PAIR ?     ? ? 
hydrog6  hydrog ?    ? A DC  3 N3    ? ? ? 1_555 B DG  4 N1 ? ? A DC  3  B DG  10 1_555 ? ? ? ? ? ? WATSON-CRICK ?     ? ? 
hydrog7  hydrog ?    ? A DC  3 N4    ? ? ? 1_555 B DG  4 O6 ? ? A DC  3  B DG  10 1_555 ? ? ? ? ? ? WATSON-CRICK ?     ? ? 
hydrog8  hydrog ?    ? A DC  3 O2    ? ? ? 1_555 B DG  4 N2 ? ? A DC  3  B DG  10 1_555 ? ? ? ? ? ? WATSON-CRICK ?     ? ? 
hydrog9  hydrog ?    ? A DG  4 N1    ? ? ? 1_555 B DC  3 N3 ? ? A DG  4  B DC  9  1_555 ? ? ? ? ? ? WATSON-CRICK ?     ? ? 
hydrog10 hydrog ?    ? A DG  4 N2    ? ? ? 1_555 B DC  3 O2 ? ? A DG  4  B DC  9  1_555 ? ? ? ? ? ? WATSON-CRICK ?     ? ? 
hydrog11 hydrog ?    ? A DG  4 O6    ? ? ? 1_555 B DC  3 N4 ? ? A DG  4  B DC  9  1_555 ? ? ? ? ? ? WATSON-CRICK ?     ? ? 
hydrog12 hydrog ?    ? A BRU 5 N3    ? ? ? 1_555 B DG  2 O6 ? ? A BRU 5  B DG  8  1_555 ? ? ? ? ? ? TYPE_28_PAIR ?     ? ? 
hydrog13 hydrog ?    ? A BRU 5 O2    ? ? ? 1_555 B DG  2 N1 ? ? A BRU 5  B DG  8  1_555 ? ? ? ? ? ? TYPE_28_PAIR ?     ? ? 
hydrog14 hydrog ?    ? A DG  6 N1    ? ? ? 1_555 B DC  1 N3 ? ? A DG  6  B DC  7  1_555 ? ? ? ? ? ? WATSON-CRICK ?     ? ? 
hydrog15 hydrog ?    ? A DG  6 N2    ? ? ? 1_555 B DC  1 O2 ? ? A DG  6  B DC  7  1_555 ? ? ? ? ? ? WATSON-CRICK ?     ? ? 
hydrog16 hydrog ?    ? A DG  6 O6    ? ? ? 1_555 B DC  1 N4 ? ? A DG  6  B DC  7  1_555 ? ? ? ? ? ? WATSON-CRICK ?     ? ? 
# 
loop_
_struct_conn_type.id 
_struct_conn_type.criteria 
_struct_conn_type.reference 
covale ? ? 
hydrog ? ? 
# 
loop_
_pdbx_struct_mod_residue.id 
_pdbx_struct_mod_residue.label_asym_id 
_pdbx_struct_mod_residue.label_comp_id 
_pdbx_struct_mod_residue.label_seq_id 
_pdbx_struct_mod_residue.auth_asym_id 
_pdbx_struct_mod_residue.auth_comp_id 
_pdbx_struct_mod_residue.auth_seq_id 
_pdbx_struct_mod_residue.PDB_ins_code 
_pdbx_struct_mod_residue.parent_comp_id 
_pdbx_struct_mod_residue.details 
1 A BRU 5 A BRU 5  ? DU ? 
2 B BRU 5 B BRU 11 ? DU ? 
# 
loop_
_chem_comp_atom.comp_id 
_chem_comp_atom.atom_id 
_chem_comp_atom.type_symbol 
_chem_comp_atom.pdbx_aromatic_flag 
_chem_comp_atom.pdbx_stereo_config 
_chem_comp_atom.pdbx_ordinal 
BRU N1     N  N N 1   
BRU C2     C  N N 2   
BRU N3     N  N N 3   
BRU C4     C  N N 4   
BRU C5     C  N N 5   
BRU C6     C  N N 6   
BRU O2     O  N N 7   
BRU O4     O  N N 8   
BRU BR     BR N N 9   
BRU "C1'"  C  N R 10  
BRU "C2'"  C  N N 11  
BRU "C3'"  C  N S 12  
BRU "C4'"  C  N R 13  
BRU "O3'"  O  N N 14  
BRU "O4'"  O  N N 15  
BRU "C5'"  C  N N 16  
BRU "O5'"  O  N N 17  
BRU P      P  N N 18  
BRU OP1    O  N N 19  
BRU OP2    O  N N 20  
BRU OP3    O  N N 21  
BRU HN3    H  N N 22  
BRU H6     H  N N 23  
BRU "H1'"  H  N N 24  
BRU "H2'"  H  N N 25  
BRU "H2''" H  N N 26  
BRU "H3'"  H  N N 27  
BRU "H4'"  H  N N 28  
BRU "HO3'" H  N N 29  
BRU "H5'"  H  N N 30  
BRU "H5''" H  N N 31  
BRU HOP2   H  N N 32  
BRU HOP3   H  N N 33  
DC  OP3    O  N N 34  
DC  P      P  N N 35  
DC  OP1    O  N N 36  
DC  OP2    O  N N 37  
DC  "O5'"  O  N N 38  
DC  "C5'"  C  N N 39  
DC  "C4'"  C  N R 40  
DC  "O4'"  O  N N 41  
DC  "C3'"  C  N S 42  
DC  "O3'"  O  N N 43  
DC  "C2'"  C  N N 44  
DC  "C1'"  C  N R 45  
DC  N1     N  N N 46  
DC  C2     C  N N 47  
DC  O2     O  N N 48  
DC  N3     N  N N 49  
DC  C4     C  N N 50  
DC  N4     N  N N 51  
DC  C5     C  N N 52  
DC  C6     C  N N 53  
DC  HOP3   H  N N 54  
DC  HOP2   H  N N 55  
DC  "H5'"  H  N N 56  
DC  "H5''" H  N N 57  
DC  "H4'"  H  N N 58  
DC  "H3'"  H  N N 59  
DC  "HO3'" H  N N 60  
DC  "H2'"  H  N N 61  
DC  "H2''" H  N N 62  
DC  "H1'"  H  N N 63  
DC  H41    H  N N 64  
DC  H42    H  N N 65  
DC  H5     H  N N 66  
DC  H6     H  N N 67  
DG  OP3    O  N N 68  
DG  P      P  N N 69  
DG  OP1    O  N N 70  
DG  OP2    O  N N 71  
DG  "O5'"  O  N N 72  
DG  "C5'"  C  N N 73  
DG  "C4'"  C  N R 74  
DG  "O4'"  O  N N 75  
DG  "C3'"  C  N S 76  
DG  "O3'"  O  N N 77  
DG  "C2'"  C  N N 78  
DG  "C1'"  C  N R 79  
DG  N9     N  Y N 80  
DG  C8     C  Y N 81  
DG  N7     N  Y N 82  
DG  C5     C  Y N 83  
DG  C6     C  N N 84  
DG  O6     O  N N 85  
DG  N1     N  N N 86  
DG  C2     C  N N 87  
DG  N2     N  N N 88  
DG  N3     N  N N 89  
DG  C4     C  Y N 90  
DG  HOP3   H  N N 91  
DG  HOP2   H  N N 92  
DG  "H5'"  H  N N 93  
DG  "H5''" H  N N 94  
DG  "H4'"  H  N N 95  
DG  "H3'"  H  N N 96  
DG  "HO3'" H  N N 97  
DG  "H2'"  H  N N 98  
DG  "H2''" H  N N 99  
DG  "H1'"  H  N N 100 
DG  H8     H  N N 101 
DG  H1     H  N N 102 
DG  H21    H  N N 103 
DG  H22    H  N N 104 
HOH O      O  N N 105 
HOH H1     H  N N 106 
HOH H2     H  N N 107 
# 
loop_
_chem_comp_bond.comp_id 
_chem_comp_bond.atom_id_1 
_chem_comp_bond.atom_id_2 
_chem_comp_bond.value_order 
_chem_comp_bond.pdbx_aromatic_flag 
_chem_comp_bond.pdbx_stereo_config 
_chem_comp_bond.pdbx_ordinal 
BRU N1    C2     sing N N 1   
BRU N1    C6     sing N N 2   
BRU N1    "C1'"  sing N N 3   
BRU C2    N3     sing N N 4   
BRU C2    O2     doub N N 5   
BRU N3    C4     sing N N 6   
BRU N3    HN3    sing N N 7   
BRU C4    C5     sing N N 8   
BRU C4    O4     doub N N 9   
BRU C5    C6     doub N N 10  
BRU C5    BR     sing N N 11  
BRU C6    H6     sing N N 12  
BRU "C1'" "C2'"  sing N N 13  
BRU "C1'" "O4'"  sing N N 14  
BRU "C1'" "H1'"  sing N N 15  
BRU "C2'" "C3'"  sing N N 16  
BRU "C2'" "H2'"  sing N N 17  
BRU "C2'" "H2''" sing N N 18  
BRU "C3'" "C4'"  sing N N 19  
BRU "C3'" "O3'"  sing N N 20  
BRU "C3'" "H3'"  sing N N 21  
BRU "C4'" "O4'"  sing N N 22  
BRU "C4'" "C5'"  sing N N 23  
BRU "C4'" "H4'"  sing N N 24  
BRU "O3'" "HO3'" sing N N 25  
BRU "C5'" "O5'"  sing N N 26  
BRU "C5'" "H5'"  sing N N 27  
BRU "C5'" "H5''" sing N N 28  
BRU "O5'" P      sing N N 29  
BRU P     OP1    doub N N 30  
BRU P     OP2    sing N N 31  
BRU P     OP3    sing N N 32  
BRU OP2   HOP2   sing N N 33  
BRU OP3   HOP3   sing N N 34  
DC  OP3   P      sing N N 35  
DC  OP3   HOP3   sing N N 36  
DC  P     OP1    doub N N 37  
DC  P     OP2    sing N N 38  
DC  P     "O5'"  sing N N 39  
DC  OP2   HOP2   sing N N 40  
DC  "O5'" "C5'"  sing N N 41  
DC  "C5'" "C4'"  sing N N 42  
DC  "C5'" "H5'"  sing N N 43  
DC  "C5'" "H5''" sing N N 44  
DC  "C4'" "O4'"  sing N N 45  
DC  "C4'" "C3'"  sing N N 46  
DC  "C4'" "H4'"  sing N N 47  
DC  "O4'" "C1'"  sing N N 48  
DC  "C3'" "O3'"  sing N N 49  
DC  "C3'" "C2'"  sing N N 50  
DC  "C3'" "H3'"  sing N N 51  
DC  "O3'" "HO3'" sing N N 52  
DC  "C2'" "C1'"  sing N N 53  
DC  "C2'" "H2'"  sing N N 54  
DC  "C2'" "H2''" sing N N 55  
DC  "C1'" N1     sing N N 56  
DC  "C1'" "H1'"  sing N N 57  
DC  N1    C2     sing N N 58  
DC  N1    C6     sing N N 59  
DC  C2    O2     doub N N 60  
DC  C2    N3     sing N N 61  
DC  N3    C4     doub N N 62  
DC  C4    N4     sing N N 63  
DC  C4    C5     sing N N 64  
DC  N4    H41    sing N N 65  
DC  N4    H42    sing N N 66  
DC  C5    C6     doub N N 67  
DC  C5    H5     sing N N 68  
DC  C6    H6     sing N N 69  
DG  OP3   P      sing N N 70  
DG  OP3   HOP3   sing N N 71  
DG  P     OP1    doub N N 72  
DG  P     OP2    sing N N 73  
DG  P     "O5'"  sing N N 74  
DG  OP2   HOP2   sing N N 75  
DG  "O5'" "C5'"  sing N N 76  
DG  "C5'" "C4'"  sing N N 77  
DG  "C5'" "H5'"  sing N N 78  
DG  "C5'" "H5''" sing N N 79  
DG  "C4'" "O4'"  sing N N 80  
DG  "C4'" "C3'"  sing N N 81  
DG  "C4'" "H4'"  sing N N 82  
DG  "O4'" "C1'"  sing N N 83  
DG  "C3'" "O3'"  sing N N 84  
DG  "C3'" "C2'"  sing N N 85  
DG  "C3'" "H3'"  sing N N 86  
DG  "O3'" "HO3'" sing N N 87  
DG  "C2'" "C1'"  sing N N 88  
DG  "C2'" "H2'"  sing N N 89  
DG  "C2'" "H2''" sing N N 90  
DG  "C1'" N9     sing N N 91  
DG  "C1'" "H1'"  sing N N 92  
DG  N9    C8     sing Y N 93  
DG  N9    C4     sing Y N 94  
DG  C8    N7     doub Y N 95  
DG  C8    H8     sing N N 96  
DG  N7    C5     sing Y N 97  
DG  C5    C6     sing N N 98  
DG  C5    C4     doub Y N 99  
DG  C6    O6     doub N N 100 
DG  C6    N1     sing N N 101 
DG  N1    C2     sing N N 102 
DG  N1    H1     sing N N 103 
DG  C2    N2     sing N N 104 
DG  C2    N3     doub N N 105 
DG  N2    H21    sing N N 106 
DG  N2    H22    sing N N 107 
DG  N3    C4     sing N N 108 
HOH O     H1     sing N N 109 
HOH O     H2     sing N N 110 
# 
loop_
_ndb_struct_conf_na.entry_id 
_ndb_struct_conf_na.feature 
2OBZ 'z-form double helix'  
2OBZ 'mismatched base pair' 
# 
loop_
_ndb_struct_na_base_pair.model_number 
_ndb_struct_na_base_pair.i_label_asym_id 
_ndb_struct_na_base_pair.i_label_comp_id 
_ndb_struct_na_base_pair.i_label_seq_id 
_ndb_struct_na_base_pair.i_symmetry 
_ndb_struct_na_base_pair.j_label_asym_id 
_ndb_struct_na_base_pair.j_label_comp_id 
_ndb_struct_na_base_pair.j_label_seq_id 
_ndb_struct_na_base_pair.j_symmetry 
_ndb_struct_na_base_pair.shear 
_ndb_struct_na_base_pair.stretch 
_ndb_struct_na_base_pair.stagger 
_ndb_struct_na_base_pair.buckle 
_ndb_struct_na_base_pair.propeller 
_ndb_struct_na_base_pair.opening 
_ndb_struct_na_base_pair.pair_number 
_ndb_struct_na_base_pair.pair_name 
_ndb_struct_na_base_pair.i_auth_asym_id 
_ndb_struct_na_base_pair.i_auth_seq_id 
_ndb_struct_na_base_pair.i_PDB_ins_code 
_ndb_struct_na_base_pair.j_auth_asym_id 
_ndb_struct_na_base_pair.j_auth_seq_id 
_ndb_struct_na_base_pair.j_PDB_ins_code 
_ndb_struct_na_base_pair.hbond_type_28 
_ndb_struct_na_base_pair.hbond_type_12 
1 A DC  1 1_555 B DG  6 1_555 -0.279 -0.195 0.241  5.137  0.838 2.237 1 A_DC1:DG12_B  A 1 ? B 12 ? 19 1 
1 A DG  2 1_555 B BRU 5 1_555 2.330  -0.616 0.197  -5.469 5.074 6.329 2 A_DG2:BRU11_B A 2 ? B 11 ? 28 ? 
1 A DC  3 1_555 B DG  4 1_555 -0.243 -0.110 0.124  4.460  0.033 2.461 3 A_DC3:DG10_B  A 3 ? B 10 ? 19 1 
1 A DG  4 1_555 B DC  3 1_555 0.131  -0.104 0.096  -6.820 1.873 4.396 4 A_DG4:DC9_B   A 4 ? B 9  ? 19 1 
1 A BRU 5 1_555 B DG  2 1_555 -2.273 -0.630 -0.087 3.755  8.576 6.939 5 A_BRU5:DG8_B  A 5 ? B 8  ? 28 ? 
1 A DG  6 1_555 B DC  1 1_555 0.352  -0.228 0.232  0.186  0.912 1.887 6 A_DG6:DC7_B   A 6 ? B 7  ? 19 1 
# 
loop_
_ndb_struct_na_base_pair_step.model_number 
_ndb_struct_na_base_pair_step.i_label_asym_id_1 
_ndb_struct_na_base_pair_step.i_label_comp_id_1 
_ndb_struct_na_base_pair_step.i_label_seq_id_1 
_ndb_struct_na_base_pair_step.i_symmetry_1 
_ndb_struct_na_base_pair_step.j_label_asym_id_1 
_ndb_struct_na_base_pair_step.j_label_comp_id_1 
_ndb_struct_na_base_pair_step.j_label_seq_id_1 
_ndb_struct_na_base_pair_step.j_symmetry_1 
_ndb_struct_na_base_pair_step.i_label_asym_id_2 
_ndb_struct_na_base_pair_step.i_label_comp_id_2 
_ndb_struct_na_base_pair_step.i_label_seq_id_2 
_ndb_struct_na_base_pair_step.i_symmetry_2 
_ndb_struct_na_base_pair_step.j_label_asym_id_2 
_ndb_struct_na_base_pair_step.j_label_comp_id_2 
_ndb_struct_na_base_pair_step.j_label_seq_id_2 
_ndb_struct_na_base_pair_step.j_symmetry_2 
_ndb_struct_na_base_pair_step.shift 
_ndb_struct_na_base_pair_step.slide 
_ndb_struct_na_base_pair_step.rise 
_ndb_struct_na_base_pair_step.tilt 
_ndb_struct_na_base_pair_step.roll 
_ndb_struct_na_base_pair_step.twist 
_ndb_struct_na_base_pair_step.x_displacement 
_ndb_struct_na_base_pair_step.y_displacement 
_ndb_struct_na_base_pair_step.helical_rise 
_ndb_struct_na_base_pair_step.inclination 
_ndb_struct_na_base_pair_step.tip 
_ndb_struct_na_base_pair_step.helical_twist 
_ndb_struct_na_base_pair_step.step_number 
_ndb_struct_na_base_pair_step.step_name 
_ndb_struct_na_base_pair_step.i_auth_asym_id_1 
_ndb_struct_na_base_pair_step.i_auth_seq_id_1 
_ndb_struct_na_base_pair_step.i_PDB_ins_code_1 
_ndb_struct_na_base_pair_step.j_auth_asym_id_1 
_ndb_struct_na_base_pair_step.j_auth_seq_id_1 
_ndb_struct_na_base_pair_step.j_PDB_ins_code_1 
_ndb_struct_na_base_pair_step.i_auth_asym_id_2 
_ndb_struct_na_base_pair_step.i_auth_seq_id_2 
_ndb_struct_na_base_pair_step.i_PDB_ins_code_2 
_ndb_struct_na_base_pair_step.j_auth_asym_id_2 
_ndb_struct_na_base_pair_step.j_auth_seq_id_2 
_ndb_struct_na_base_pair_step.j_PDB_ins_code_2 
1 A DC  1 1_555 B DG  6 1_555 A DG  2 1_555 B BRU 5 1_555 0.213  4.983  3.750 3.218  1.110  2.899   49.248  39.635  3.822 16.173 
-46.880 4.471   1 AA_DC1DG2:BRU11DG12_BB A 1 ? B 12 ? A 2 ? B 11 ? 
1 A DG  2 1_555 B BRU 5 1_555 A DC  3 1_555 B DG  4 1_555 -0.300 -0.417 3.177 -1.651 -8.456 -56.408 0.885   -0.402  3.081 8.889  
-1.736  -57.009 2 AA_DG2DC3:DG10BRU11_BB A 2 ? B 11 ? A 3 ? B 10 ? 
1 A DC  3 1_555 B DG  4 1_555 A DG  4 1_555 B DC  3 1_555 -0.078 5.428  3.849 -0.489 -3.824 -6.952  -21.005 -2.883  5.971 28.800 
-3.686  -7.949  3 AA_DC3DG4:DC9DG10_BB   A 3 ? B 10 ? A 4 ? B 9  ? 
1 A DG  4 1_555 B DC  3 1_555 A BRU 5 1_555 B DG  2 1_555 -0.003 -0.696 3.250 5.125  -5.823 -57.467 1.023   0.265   3.162 6.025  
5.303   -57.944 4 AA_DG4BRU5:DG8DC9_BB   A 4 ? B 9  ? A 5 ? B 8  ? 
1 A BRU 5 1_555 B DG  2 1_555 A DG  6 1_555 B DC  1 1_555 -0.042 4.923  3.472 -4.566 0.101  -0.848  -61.629 -41.101 0.486 -1.755 
-79.464 -4.645  5 AA_BRU5DG6:DC7DG8_BB   A 5 ? B 8  ? A 6 ? B 7  ? 
# 
_atom_sites.entry_id                    2OBZ 
_atom_sites.fract_transf_matrix[1][1]   0.01525594 
_atom_sites.fract_transf_matrix[1][2]   -0.02768555 
_atom_sites.fract_transf_matrix[1][3]   -0.04824078 
_atom_sites.fract_transf_matrix[2][1]   0.02991820 
_atom_sites.fract_transf_matrix[2][2]   0.00677593 
_atom_sites.fract_transf_matrix[2][3]   0.00557278 
_atom_sites.fract_transf_matrix[3][1]   0.00216454 
_atom_sites.fract_transf_matrix[3][2]   -0.01916710 
_atom_sites.fract_transf_matrix[3][3]   0.01168459 
_atom_sites.fract_transf_vector[1]      0.750386 
_atom_sites.fract_transf_vector[2]      0.508007 
_atom_sites.fract_transf_vector[3]      0.628469 
# 
loop_
_atom_type.symbol 
BR 
C  
N  
O  
P  
# 
loop_
_atom_site.group_PDB 
_atom_site.id 
_atom_site.type_symbol 
_atom_site.label_atom_id 
_atom_site.label_alt_id 
_atom_site.label_comp_id 
_atom_site.label_asym_id 
_atom_site.label_entity_id 
_atom_site.label_seq_id 
_atom_site.pdbx_PDB_ins_code 
_atom_site.Cartn_x 
_atom_site.Cartn_y 
_atom_site.Cartn_z 
_atom_site.occupancy 
_atom_site.B_iso_or_equiv 
_atom_site.pdbx_formal_charge 
_atom_site.auth_seq_id 
_atom_site.auth_comp_id 
_atom_site.auth_asym_id 
_atom_site.auth_atom_id 
_atom_site.pdbx_PDB_model_num 
ATOM   1   O  "O5'" . DC  A 1 1 ? 2.855  5.732   -9.127  1.00 9.38  ? 1  DC  A "O5'" 1 
ATOM   2   C  "C5'" . DC  A 1 1 ? 2.073  4.558   -8.908  1.00 8.52  ? 1  DC  A "C5'" 1 
ATOM   3   C  "C4'" . DC  A 1 1 ? 0.752  4.873   -8.234  1.00 7.37  ? 1  DC  A "C4'" 1 
ATOM   4   O  "O4'" . DC  A 1 1 ? 0.979  5.169   -6.839  1.00 6.73  ? 1  DC  A "O4'" 1 
ATOM   5   C  "C3'" . DC  A 1 1 ? -0.011 6.067   -8.781  1.00 8.30  ? 1  DC  A "C3'" 1 
ATOM   6   O  "O3'" . DC  A 1 1 ? -1.374 5.783   -8.772  1.00 8.80  ? 1  DC  A "O3'" 1 
ATOM   7   C  "C2'" . DC  A 1 1 ? 0.244  7.186   -7.786  1.00 7.43  ? 1  DC  A "C2'" 1 
ATOM   8   C  "C1'" . DC  A 1 1 ? 0.440  6.415   -6.489  1.00 6.72  ? 1  DC  A "C1'" 1 
ATOM   9   N  N1    . DC  A 1 1 ? 1.398  7.094   -5.601  1.00 6.08  ? 1  DC  A N1    1 
ATOM   10  C  C2    . DC  A 1 1 ? 0.907  7.901   -4.580  1.00 5.21  ? 1  DC  A C2    1 
ATOM   11  O  O2    . DC  A 1 1 ? -0.314 8.019   -4.422  1.00 6.22  ? 1  DC  A O2    1 
ATOM   12  N  N3    . DC  A 1 1 ? 1.801  8.537   -3.784  1.00 5.73  ? 1  DC  A N3    1 
ATOM   13  C  C4    . DC  A 1 1 ? 3.117  8.400   -3.972  1.00 6.30  ? 1  DC  A C4    1 
ATOM   14  N  N4    . DC  A 1 1 ? 3.953  9.049   -3.157  1.00 6.87  ? 1  DC  A N4    1 
ATOM   15  C  C5    . DC  A 1 1 ? 3.634  7.584   -5.020  1.00 6.94  ? 1  DC  A C5    1 
ATOM   16  C  C6    . DC  A 1 1 ? 2.750  6.959   -5.798  1.00 6.64  ? 1  DC  A C6    1 
ATOM   17  P  P     . DG  A 1 2 ? -2.098 5.216   -10.067 1.00 10.51 ? 2  DG  A P     1 
ATOM   18  O  OP1   . DG  A 1 2 ? -1.549 5.821   -11.307 1.00 11.09 ? 2  DG  A OP1   1 
ATOM   19  O  OP2   . DG  A 1 2 ? -3.516 5.342   -9.736  1.00 10.81 ? 2  DG  A OP2   1 
ATOM   20  O  "O5'" . DG  A 1 2 ? -1.757 3.661   -10.092 1.00 9.31  ? 2  DG  A "O5'" 1 
ATOM   21  C  "C5'" . DG  A 1 2 ? -2.187 2.803   -9.053  1.00 8.81  ? 2  DG  A "C5'" 1 
ATOM   22  C  "C4'" . DG  A 1 2 ? -1.463 1.488   -9.227  1.00 8.63  ? 2  DG  A "C4'" 1 
ATOM   23  O  "O4'" . DG  A 1 2 ? -0.041 1.724   -9.163  1.00 8.07  ? 2  DG  A "O4'" 1 
ATOM   24  C  "C3'" . DG  A 1 2 ? -1.751 0.459   -8.152  1.00 8.48  ? 2  DG  A "C3'" 1 
ATOM   25  O  "O3'" . DG  A 1 2 ? -2.837 -0.359  -8.551  1.00 9.80  ? 2  DG  A "O3'" 1 
ATOM   26  C  "C2'" . DG  A 1 2 ? -0.455 -0.325  -8.034  1.00 8.41  ? 2  DG  A "C2'" 1 
ATOM   27  C  "C1'" . DG  A 1 2 ? 0.611  0.644   -8.522  1.00 7.58  ? 2  DG  A "C1'" 1 
ATOM   28  N  N9    . DG  A 1 2 ? 1.431  1.272   -7.497  1.00 7.07  ? 2  DG  A N9    1 
ATOM   29  C  C8    . DG  A 1 2 ? 2.792  1.251   -7.453  1.00 7.48  ? 2  DG  A C8    1 
ATOM   30  N  N7    . DG  A 1 2 ? 3.298  1.926   -6.468  1.00 7.16  ? 2  DG  A N7    1 
ATOM   31  C  C5    . DG  A 1 2 ? 2.192  2.432   -5.817  1.00 6.39  ? 2  DG  A C5    1 
ATOM   32  C  C6    . DG  A 1 2 ? 2.116  3.248   -4.680  1.00 6.00  ? 2  DG  A C6    1 
ATOM   33  O  O6    . DG  A 1 2 ? 3.055  3.688   -4.026  1.00 6.86  ? 2  DG  A O6    1 
ATOM   34  N  N1    . DG  A 1 2 ? 0.811  3.562   -4.330  1.00 5.82  ? 2  DG  A N1    1 
ATOM   35  C  C2    . DG  A 1 2 ? -0.304 3.132   -5.009  1.00 5.99  ? 2  DG  A C2    1 
ATOM   36  N  N2    . DG  A 1 2 ? -1.487 3.542   -4.540  1.00 6.77  ? 2  DG  A N2    1 
ATOM   37  N  N3    . DG  A 1 2 ? -0.241 2.362   -6.088  1.00 6.38  ? 2  DG  A N3    1 
ATOM   38  C  C4    . DG  A 1 2 ? 1.031  2.046   -6.433  1.00 6.25  ? 2  DG  A C4    1 
ATOM   39  P  P     . DC  A 1 3 ? -4.081 -0.556  -7.569  1.00 12.04 ? 3  DC  A P     1 
ATOM   40  O  OP1   . DC  A 1 3 ? -4.952 -1.564  -8.213  1.00 12.72 ? 3  DC  A OP1   1 
ATOM   41  O  OP2   . DC  A 1 3 ? -4.652 0.754   -7.180  1.00 12.95 ? 3  DC  A OP2   1 
ATOM   42  O  "O5'" . DC  A 1 3 ? -3.359 -1.221  -6.306  1.00 10.02 ? 3  DC  A "O5'" 1 
ATOM   43  C  "C5'" . DC  A 1 3 ? -4.079 -2.068  -5.415  1.00 10.20 ? 3  DC  A "C5'" 1 
ATOM   44  C  "C4'" . DC  A 1 3 ? -3.950 -1.568  -3.992  1.00 10.20 ? 3  DC  A "C4'" 1 
ATOM   45  O  "O4'" . DC  A 1 3 ? -2.567 -1.687  -3.583  1.00 9.42  ? 3  DC  A "O4'" 1 
ATOM   46  C  "C3'" . DC  A 1 3 ? -4.317 -0.103  -3.786  1.00 10.70 ? 3  DC  A "C3'" 1 
ATOM   47  O  "O3'" . DC  A 1 3 ? -4.963 0.078   -2.540  1.00 12.17 ? 3  DC  A "O3'" 1 
ATOM   48  C  "C2'" . DC  A 1 3 ? -2.968 0.599   -3.769  1.00 10.01 ? 3  DC  A "C2'" 1 
ATOM   49  C  "C1'" . DC  A 1 3 ? -2.138 -0.453  -3.055  1.00 9.38  ? 3  DC  A "C1'" 1 
ATOM   50  N  N1    . DC  A 1 3 ? -0.687 -0.330  -3.277  1.00 8.40  ? 3  DC  A N1    1 
ATOM   51  C  C2    . DC  A 1 3 ? 0.061  0.471   -2.403  1.00 8.12  ? 3  DC  A C2    1 
ATOM   52  O  O2    . DC  A 1 3 ? -0.505 1.062   -1.474  1.00 8.06  ? 3  DC  A O2    1 
ATOM   53  N  N3    . DC  A 1 3 ? 1.393  0.577   -2.611  1.00 7.40  ? 3  DC  A N3    1 
ATOM   54  C  C4    . DC  A 1 3 ? 1.973  -0.070  -3.627  1.00 8.02  ? 3  DC  A C4    1 
ATOM   55  N  N4    . DC  A 1 3 ? 3.287  0.066   -3.786  1.00 8.44  ? 3  DC  A N4    1 
ATOM   56  C  C5    . DC  A 1 3 ? 1.227  -0.889  -4.528  1.00 8.51  ? 3  DC  A C5    1 
ATOM   57  C  C6    . DC  A 1 3 ? -0.085 -0.988  -4.319  1.00 8.81  ? 3  DC  A C6    1 
ATOM   58  P  P     . DG  A 1 4 ? -6.552 0.073   -2.412  1.00 14.88 ? 4  DG  A P     1 
ATOM   59  O  OP1   . DG  A 1 4 ? -7.125 0.834   -3.543  1.00 15.87 ? 4  DG  A OP1   1 
ATOM   60  O  OP2   . DG  A 1 4 ? -6.881 0.447   -1.021  1.00 16.83 ? 4  DG  A OP2   1 
ATOM   61  O  "O5'" . DG  A 1 4 ? -6.921 -1.474  -2.620  1.00 12.87 ? 4  DG  A "O5'" 1 
ATOM   62  C  "C5'" . DG  A 1 4 ? -6.588 -2.459  -1.642  1.00 12.23 ? 4  DG  A "C5'" 1 
ATOM   63  C  "C4'" . DG  A 1 4 ? -6.913 -3.844  -2.181  1.00 11.36 ? 4  DG  A "C4'" 1 
ATOM   64  O  "O4'" . DG  A 1 4 ? -6.152 -4.078  -3.386  1.00 10.84 ? 4  DG  A "O4'" 1 
ATOM   65  C  "C3'" . DG  A 1 4 ? -6.582 -5.006  -1.253  1.00 11.30 ? 4  DG  A "C3'" 1 
ATOM   66  O  "O3'" . DG  A 1 4 ? -7.735 -5.407  -0.544  1.00 12.13 ? 4  DG  A "O3'" 1 
ATOM   67  C  "C2'" . DG  A 1 4 ? -6.102 -6.125  -2.167  1.00 11.67 ? 4  DG  A "C2'" 1 
ATOM   68  C  "C1'" . DG  A 1 4 ? -5.780 -5.442  -3.480  1.00 11.09 ? 4  DG  A "C1'" 1 
ATOM   69  N  N9    . DG  A 1 4 ? -4.368 -5.472  -3.809  1.00 10.28 ? 4  DG  A N9    1 
ATOM   70  C  C8    . DG  A 1 4 ? -3.791 -6.044  -4.914  1.00 10.87 ? 4  DG  A C8    1 
ATOM   71  N  N7    . DG  A 1 4 ? -2.502 -5.901  -4.953  1.00 10.81 ? 4  DG  A N7    1 
ATOM   72  C  C5    . DG  A 1 4 ? -2.206 -5.184  -3.800  1.00 10.35 ? 4  DG  A C5    1 
ATOM   73  C  C6    . DG  A 1 4 ? -0.967 -4.726  -3.303  1.00 10.13 ? 4  DG  A C6    1 
ATOM   74  O  O6    . DG  A 1 4 ? 0.139  -4.883  -3.825  1.00 10.97 ? 4  DG  A O6    1 
ATOM   75  N  N1    . DG  A 1 4 ? -1.099 -4.032  -2.098  1.00 9.95  ? 4  DG  A N1    1 
ATOM   76  C  C2    . DG  A 1 4 ? -2.285 -3.805  -1.446  1.00 10.51 ? 4  DG  A C2    1 
ATOM   77  N  N2    . DG  A 1 4 ? -2.212 -3.105  -0.300  1.00 10.28 ? 4  DG  A N2    1 
ATOM   78  N  N3    . DG  A 1 4 ? -3.461 -4.238  -1.906  1.00 9.96  ? 4  DG  A N3    1 
ATOM   79  C  C4    . DG  A 1 4 ? -3.340 -4.910  -3.081  1.00 9.97  ? 4  DG  A C4    1 
HETATM 80  N  N1    . BRU A 1 5 ? -2.714 -7.030  0.865   1.00 9.68  ? 5  BRU A N1    1 
HETATM 81  C  C2    . BRU A 1 5 ? -1.397 -6.750  0.467   1.00 9.80  ? 5  BRU A C2    1 
HETATM 82  N  N3    . BRU A 1 5 ? -0.939 -7.247  -0.684  1.00 9.86  ? 5  BRU A N3    1 
HETATM 83  C  C4    . BRU A 1 5 ? -1.685 -8.015  -1.478  1.00 9.84  ? 5  BRU A C4    1 
HETATM 84  C  C5    . BRU A 1 5 ? -3.058 -8.325  -1.065  1.00 10.36 ? 5  BRU A C5    1 
HETATM 85  C  C6    . BRU A 1 5 ? -3.527 -7.803  0.121   1.00 9.76  ? 5  BRU A C6    1 
HETATM 86  O  O2    . BRU A 1 5 ? -0.677 -6.028  1.204   1.00 9.45  ? 5  BRU A O2    1 
HETATM 87  O  O4    . BRU A 1 5 ? -1.222 -8.469  -2.541  1.00 10.57 ? 5  BRU A O4    1 
HETATM 88  BR BR    . BRU A 1 5 ? -4.107 -9.424  -2.159  1.00 15.74 ? 5  BRU A BR    1 
HETATM 89  C  "C1'" . BRU A 1 5 ? -3.154 -6.474  2.134   1.00 9.68  ? 5  BRU A "C1'" 1 
HETATM 90  C  "C2'" . BRU A 1 5 ? -3.576 -5.015  2.072   1.00 9.48  ? 5  BRU A "C2'" 1 
HETATM 91  C  "C3'" . BRU A 1 5 ? -4.488 -4.921  3.272   1.00 9.88  ? 5  BRU A "C3'" 1 
HETATM 92  C  "C4'" . BRU A 1 5 ? -5.102 -6.305  3.403   1.00 10.25 ? 5  BRU A "C4'" 1 
HETATM 93  O  "O3'" . BRU A 1 5 ? -3.663 -4.641  4.402   1.00 10.64 ? 5  BRU A "O3'" 1 
HETATM 94  O  "O4'" . BRU A 1 5 ? -4.301 -7.172  2.601   1.00 9.57  ? 5  BRU A "O4'" 1 
HETATM 95  C  "C5'" . BRU A 1 5 ? -6.556 -6.397  2.958   1.00 10.06 ? 5  BRU A "C5'" 1 
HETATM 96  O  "O5'" . BRU A 1 5 ? -6.699 -5.863  1.645   1.00 10.23 ? 5  BRU A "O5'" 1 
HETATM 97  P  P     . BRU A 1 5 ? -7.659 -6.564  0.552   1.00 12.34 ? 5  BRU A P     1 
HETATM 98  O  OP1   . BRU A 1 5 ? -6.909 -7.759  0.029   1.00 14.04 ? 5  BRU A OP1   1 
HETATM 99  O  OP2   . BRU A 1 5 ? -9.060 -6.725  1.084   1.00 13.53 ? 5  BRU A OP2   1 
ATOM   100 P  P     . DG  A 1 6 ? -4.198 -3.844  5.665   1.00 12.48 ? 6  DG  A P     1 
ATOM   101 O  OP1   . DG  A 1 6 ? -4.856 -2.614  5.188   1.00 13.92 ? 6  DG  A OP1   1 
ATOM   102 O  OP2   . DG  A 1 6 ? -3.078 -3.710  6.613   1.00 12.62 ? 6  DG  A OP2   1 
ATOM   103 O  "O5'" . DG  A 1 6 ? -5.335 -4.777  6.294   1.00 12.68 ? 6  DG  A "O5'" 1 
ATOM   104 C  "C5'" . DG  A 1 6 ? -5.027 -5.757  7.279   1.00 12.36 ? 6  DG  A "C5'" 1 
ATOM   105 C  "C4'" . DG  A 1 6 ? -6.272 -6.527  7.680   1.00 12.75 ? 6  DG  A "C4'" 1 
ATOM   106 O  "O4'" . DG  A 1 6 ? -6.791 -7.270  6.552   1.00 12.86 ? 6  DG  A "O4'" 1 
ATOM   107 C  "C3'" . DG  A 1 6 ? -6.063 -7.560  8.782   1.00 13.11 ? 6  DG  A "C3'" 1 
ATOM   108 O  "O3'" . DG  A 1 6 ? -7.237 -7.687  9.579   1.00 14.73 ? 6  DG  A "O3'" 1 
ATOM   109 C  "C2'" . DG  A 1 6 ? -5.781 -8.839  8.016   1.00 12.82 ? 6  DG  A "C2'" 1 
ATOM   110 C  "C1'" . DG  A 1 6 ? -6.669 -8.659  6.788   1.00 12.45 ? 6  DG  A "C1'" 1 
ATOM   111 N  N9    . DG  A 1 6 ? -6.181 -9.249  5.551   1.00 12.54 ? 6  DG  A N9    1 
ATOM   112 C  C8    . DG  A 1 6 ? -6.943 -9.929  4.637   1.00 12.31 ? 6  DG  A C8    1 
ATOM   113 N  N7    . DG  A 1 6 ? -6.271 -10.347 3.604   1.00 12.41 ? 6  DG  A N7    1 
ATOM   114 C  C5    . DG  A 1 6 ? -4.981 -9.907  3.847   1.00 12.02 ? 6  DG  A C5    1 
ATOM   115 C  C6    . DG  A 1 6 ? -3.820 -10.064 3.060   1.00 12.06 ? 6  DG  A C6    1 
ATOM   116 O  O6    . DG  A 1 6 ? -3.717 -10.641 1.965   1.00 12.36 ? 6  DG  A O6    1 
ATOM   117 N  N1    . DG  A 1 6 ? -2.717 -9.465  3.665   1.00 12.04 ? 6  DG  A N1    1 
ATOM   118 C  C2    . DG  A 1 6 ? -2.729 -8.795  4.868   1.00 11.73 ? 6  DG  A C2    1 
ATOM   119 N  N2    . DG  A 1 6 ? -1.563 -8.279  5.283   1.00 11.65 ? 6  DG  A N2    1 
ATOM   120 N  N3    . DG  A 1 6 ? -3.813 -8.639  5.611   1.00 11.64 ? 6  DG  A N3    1 
ATOM   121 C  C4    . DG  A 1 6 ? -4.903 -9.221  5.041   1.00 11.77 ? 6  DG  A C4    1 
ATOM   122 O  "O5'" . DC  B 1 1 ? 5.428  -10.310 0.326   1.00 11.53 ? 7  DC  B "O5'" 1 
ATOM   123 C  "C5'" . DC  B 1 1 ? 6.023  -9.050  0.604   1.00 10.55 ? 7  DC  B "C5'" 1 
ATOM   124 C  "C4'" . DC  B 1 1 ? 5.360  -8.321  1.757   1.00 9.24  ? 7  DC  B "C4'" 1 
ATOM   125 O  "O4'" . DC  B 1 1 ? 3.977  -8.093  1.417   1.00 9.44  ? 7  DC  B "O4'" 1 
ATOM   126 C  "C3'" . DC  B 1 1 ? 5.342  -9.041  3.105   1.00 8.56  ? 7  DC  B "C3'" 1 
ATOM   127 O  "O3'" . DC  B 1 1 ? 5.522  -8.138  4.188   1.00 8.15  ? 7  DC  B "O3'" 1 
ATOM   128 C  "C2'" . DC  B 1 1 ? 3.938  -9.623  3.187   1.00 8.70  ? 7  DC  B "C2'" 1 
ATOM   129 C  "C1'" . DC  B 1 1 ? 3.139  -8.565  2.442   1.00 9.25  ? 7  DC  B "C1'" 1 
ATOM   130 N  N1    . DC  B 1 1 ? 1.926  -9.131  1.840   1.00 9.21  ? 7  DC  B N1    1 
ATOM   131 C  C2    . DC  B 1 1 ? 0.717  -9.036  2.533   1.00 8.70  ? 7  DC  B C2    1 
ATOM   132 O  O2    . DC  B 1 1 ? 0.665  -8.468  3.635   1.00 9.43  ? 7  DC  B O2    1 
ATOM   133 N  N3    . DC  B 1 1 ? -0.384 -9.592  1.968   1.00 9.25  ? 7  DC  B N3    1 
ATOM   134 C  C4    . DC  B 1 1 ? -0.320 -10.210 0.789   1.00 9.49  ? 7  DC  B C4    1 
ATOM   135 N  N4    . DC  B 1 1 ? -1.449 -10.728 0.297   1.00 10.23 ? 7  DC  B N4    1 
ATOM   136 C  C5    . DC  B 1 1 ? 0.904  -10.316 0.072   1.00 10.01 ? 7  DC  B C5    1 
ATOM   137 C  C6    . DC  B 1 1 ? 1.990  -9.774  0.630   1.00 9.63  ? 7  DC  B C6    1 
ATOM   138 P  P     . DG  B 1 2 ? 6.962  -7.761  4.764   1.00 8.88  ? 8  DG  B P     1 
ATOM   139 O  OP1   . DG  B 1 2 ? 7.857  -8.943  4.765   1.00 10.64 ? 8  DG  B OP1   1 
ATOM   140 O  OP2   . DG  B 1 2 ? 6.699  -7.055  6.034   1.00 9.70  ? 8  DG  B OP2   1 
ATOM   141 O  "O5'" . DG  B 1 2 ? 7.551  -6.725  3.704   1.00 8.62  ? 8  DG  B "O5'" 1 
ATOM   142 C  "C5'" . DG  B 1 2 ? 6.909  -5.477  3.497   1.00 7.83  ? 8  DG  B "C5'" 1 
ATOM   143 C  "C4'" . DG  B 1 2 ? 7.545  -4.771  2.319   1.00 7.51  ? 8  DG  B "C4'" 1 
ATOM   144 O  "O4'" . DG  B 1 2 ? 7.373  -5.578  1.129   1.00 8.05  ? 8  DG  B "O4'" 1 
ATOM   145 C  "C3'" . DG  B 1 2 ? 6.943  -3.420  1.981   1.00 7.14  ? 8  DG  B "C3'" 1 
ATOM   146 O  "O3'" . DG  B 1 2 ? 7.708  -2.404  2.607   1.00 7.76  ? 8  DG  B "O3'" 1 
ATOM   147 C  "C2'" . DG  B 1 2 ? 6.991  -3.340  0.459   1.00 6.97  ? 8  DG  B "C2'" 1 
ATOM   148 C  "C1'" . DG  B 1 2 ? 7.082  -4.784  -0.004  1.00 7.11  ? 8  DG  B "C1'" 1 
ATOM   149 N  N9    . DG  B 1 2 ? 5.862  -5.316  -0.600  1.00 6.66  ? 8  DG  B N9    1 
ATOM   150 C  C8    . DG  B 1 2 ? 5.741  -5.896  -1.835  1.00 7.03  ? 8  DG  B C8    1 
ATOM   151 N  N7    . DG  B 1 2 ? 4.533  -6.297  -2.093  1.00 7.21  ? 8  DG  B N7    1 
ATOM   152 C  C5    . DG  B 1 2 ? 3.817  -5.980  -0.952  1.00 6.83  ? 8  DG  B C5    1 
ATOM   153 C  C6    . DG  B 1 2 ? 2.457  -6.177  -0.645  1.00 6.78  ? 8  DG  B C6    1 
ATOM   154 O  O6    . DG  B 1 2 ? 1.584  -6.701  -1.346  1.00 7.75  ? 8  DG  B O6    1 
ATOM   155 N  N1    . DG  B 1 2 ? 2.134  -5.704  0.622   1.00 6.31  ? 8  DG  B N1    1 
ATOM   156 C  C2    . DG  B 1 2 ? 3.013  -5.115  1.496   1.00 6.31  ? 8  DG  B C2    1 
ATOM   157 N  N2    . DG  B 1 2 ? 2.525  -4.739  2.682   1.00 6.49  ? 8  DG  B N2    1 
ATOM   158 N  N3    . DG  B 1 2 ? 4.296  -4.921  1.212   1.00 5.96  ? 8  DG  B N3    1 
ATOM   159 C  C4    . DG  B 1 2 ? 4.619  -5.369  -0.022  1.00 6.24  ? 8  DG  B C4    1 
ATOM   160 P  P     . DC  B 1 3 ? 7.001  -1.409  3.643   1.00 8.53  ? 9  DC  B P     1 
ATOM   161 O  OP1   . DC  B 1 3 ? 8.038  -0.438  4.062   1.00 9.50  ? 9  DC  B OP1   1 
ATOM   162 O  OP2   . DC  B 1 3 ? 6.298  -2.201  4.681   1.00 9.63  ? 9  DC  B OP2   1 
ATOM   163 O  "O5'" . DC  B 1 3 ? 5.928  -0.712  2.680   1.00 7.26  ? 9  DC  B "O5'" 1 
ATOM   164 C  "C5'" . DC  B 1 3 ? 5.527  0.643   2.865   1.00 7.41  ? 9  DC  B "C5'" 1 
ATOM   165 C  "C4'" . DC  B 1 3 ? 4.014  0.716   2.892   1.00 7.33  ? 9  DC  B "C4'" 1 
ATOM   166 O  "O4'" . DC  B 1 3 ? 3.500  0.423   1.570   1.00 7.19  ? 9  DC  B "O4'" 1 
ATOM   167 C  "C3'" . DC  B 1 3 ? 3.315  -0.272  3.827   1.00 8.16  ? 9  DC  B "C3'" 1 
ATOM   168 O  "O3'" . DC  B 1 3 ? 2.182  0.320   4.454   1.00 10.13 ? 9  DC  B "O3'" 1 
ATOM   169 C  "C2'" . DC  B 1 3 ? 2.845  -1.375  2.893   1.00 8.18  ? 9  DC  B "C2'" 1 
ATOM   170 C  "C1'" . DC  B 1 3 ? 2.502  -0.566  1.660   1.00 7.77  ? 9  DC  B "C1'" 1 
ATOM   171 N  N1    . DC  B 1 3 ? 2.522  -1.365  0.423   1.00 7.58  ? 9  DC  B N1    1 
ATOM   172 C  C2    . DC  B 1 3 ? 1.348  -1.988  -0.012  1.00 8.01  ? 9  DC  B C2    1 
ATOM   173 O  O2    . DC  B 1 3 ? 0.303  -1.857  0.639   1.00 8.74  ? 9  DC  B O2    1 
ATOM   174 N  N3    . DC  B 1 3 ? 1.395  -2.720  -1.146  1.00 7.98  ? 9  DC  B N3    1 
ATOM   175 C  C4    . DC  B 1 3 ? 2.527  -2.861  -1.837  1.00 8.34  ? 9  DC  B C4    1 
ATOM   176 N  N4    . DC  B 1 3 ? 2.498  -3.605  -2.952  1.00 9.04  ? 9  DC  B N4    1 
ATOM   177 C  C5    . DC  B 1 3 ? 3.737  -2.243  -1.397  1.00 7.79  ? 9  DC  B C5    1 
ATOM   178 C  C6    . DC  B 1 3 ? 3.683  -1.517  -0.276  1.00 7.69  ? 9  DC  B C6    1 
ATOM   179 P  P     . DG  B 1 4 ? 2.244  0.949   5.925   1.00 11.99 ? 10 DG  B P     1 
ATOM   180 O  OP1   . DG  B 1 4 ? 3.066  0.067   6.785   1.00 13.29 ? 10 DG  B OP1   1 
ATOM   181 O  OP2   . DG  B 1 4 ? 0.854  1.263   6.338   1.00 12.57 ? 10 DG  B OP2   1 
ATOM   182 O  "O5'" . DG  B 1 4 ? 3.052  2.307   5.725   1.00 11.62 ? 10 DG  B "O5'" 1 
ATOM   183 C  "C5'" . DG  B 1 4 ? 2.450  3.307   4.952   1.00 10.79 ? 10 DG  B "C5'" 1 
ATOM   184 C  "C4'" . DG  B 1 4 ? 3.396  4.462   4.743   1.00 9.50  ? 10 DG  B "C4'" 1 
ATOM   185 O  "O4'" . DG  B 1 4 ? 4.554  4.060   3.982   1.00 8.69  ? 10 DG  B "O4'" 1 
ATOM   186 C  "C3'" . DG  B 1 4 ? 2.740  5.557   3.933   1.00 9.01  ? 10 DG  B "C3'" 1 
ATOM   187 O  "O3'" . DG  B 1 4 ? 2.200  6.496   4.837   1.00 9.57  ? 10 DG  B "O3'" 1 
ATOM   188 C  "C2'" . DG  B 1 4 ? 3.842  6.130   3.053   1.00 8.98  ? 10 DG  B "C2'" 1 
ATOM   189 C  "C1'" . DG  B 1 4 ? 4.925  5.064   3.053   1.00 7.61  ? 10 DG  B "C1'" 1 
ATOM   190 N  N9    . DG  B 1 4 ? 5.147  4.332   1.811   1.00 6.68  ? 10 DG  B N9    1 
ATOM   191 C  C8    . DG  B 1 4 ? 6.363  4.086   1.229   1.00 7.16  ? 10 DG  B C8    1 
ATOM   192 N  N7    . DG  B 1 4 ? 6.292  3.371   0.146   1.00 6.78  ? 10 DG  B N7    1 
ATOM   193 C  C5    . DG  B 1 4 ? 4.939  3.107   0.002   1.00 6.33  ? 10 DG  B C5    1 
ATOM   194 C  C6    . DG  B 1 4 ? 4.252  2.366   -0.989  1.00 6.27  ? 10 DG  B C6    1 
ATOM   195 O  O6    . DG  B 1 4 ? 4.735  1.761   -1.963  1.00 7.51  ? 10 DG  B O6    1 
ATOM   196 N  N1    . DG  B 1 4 ? 2.873  2.346   -0.761  1.00 6.42  ? 10 DG  B N1    1 
ATOM   197 C  C2    . DG  B 1 4 ? 2.244  2.965   0.296   1.00 5.88  ? 10 DG  B C2    1 
ATOM   198 N  N2    . DG  B 1 4 ? 0.914  2.809   0.348   1.00 6.65  ? 10 DG  B N2    1 
ATOM   199 N  N3    . DG  B 1 4 ? 2.878  3.658   1.237   1.00 6.04  ? 10 DG  B N3    1 
ATOM   200 C  C4    . DG  B 1 4 ? 4.217  3.693   1.022   1.00 6.32  ? 10 DG  B C4    1 
HETATM 201 N  N1    . BRU B 1 5 ? 1.576  6.916   -0.629  1.00 6.76  ? 11 BRU B N1    1 
HETATM 202 C  C2    . BRU B 1 5 ? 1.713  5.989   -1.674  1.00 7.00  ? 11 BRU B C2    1 
HETATM 203 N  N3    . BRU B 1 5 ? 2.940  5.646   -2.092  1.00 7.07  ? 11 BRU B N3    1 
HETATM 204 C  C4    . BRU B 1 5 ? 4.058  6.157   -1.567  1.00 7.78  ? 11 BRU B C4    1 
HETATM 205 C  C5    . BRU B 1 5 ? 3.916  7.132   -0.481  1.00 8.36  ? 11 BRU B C5    1 
HETATM 206 C  C6    . BRU B 1 5 ? 2.654  7.477   -0.055  1.00 7.40  ? 11 BRU B C6    1 
HETATM 207 O  O2    . BRU B 1 5 ? 0.686  5.488   -2.188  1.00 6.64  ? 11 BRU B O2    1 
HETATM 208 O  O4    . BRU B 1 5 ? 5.187  5.818   -1.987  1.00 8.02  ? 11 BRU B O4    1 
HETATM 209 BR BR    . BRU B 1 5 ? 5.433  7.882   0.300   1.00 14.46 ? 11 BRU B BR    1 
HETATM 210 C  "C1'" . BRU B 1 5 ? 0.227  7.273   -0.198  1.00 7.22  ? 11 BRU B "C1'" 1 
HETATM 211 C  "C2'" . BRU B 1 5 ? -0.395 6.241   0.726   1.00 7.49  ? 11 BRU B "C2'" 1 
HETATM 212 C  "C3'" . BRU B 1 5 ? -1.349 7.099   1.535   1.00 8.27  ? 11 BRU B "C3'" 1 
HETATM 213 C  "C4'" . BRU B 1 5 ? -0.706 8.476   1.582   1.00 8.25  ? 11 BRU B "C4'" 1 
HETATM 214 O  "O3'" . BRU B 1 5 ? -2.600 7.181   0.850   1.00 8.87  ? 11 BRU B "O3'" 1 
HETATM 215 O  "O4'" . BRU B 1 5 ? 0.273  8.485   0.540   1.00 7.14  ? 11 BRU B "O4'" 1 
HETATM 216 C  "C5'" . BRU B 1 5 ? -0.059 8.819   2.919   1.00 8.80  ? 11 BRU B "C5'" 1 
HETATM 217 O  "O5'" . BRU B 1 5 ? 0.874  7.799   3.278   1.00 9.26  ? 11 BRU B "O5'" 1 
HETATM 218 P  P     . BRU B 1 5 ? 0.684  6.929   4.619   1.00 10.09 ? 11 BRU B P     1 
HETATM 219 O  OP1   . BRU B 1 5 ? 0.352  7.831   5.770   1.00 10.81 ? 11 BRU B OP1   1 
HETATM 220 O  OP2   . BRU B 1 5 ? -0.193 5.729   4.367   1.00 11.21 ? 11 BRU B OP2   1 
ATOM   221 P  P     . DG  B 1 6 ? -3.977 7.390   1.638   1.00 10.93 ? 12 DG  B P     1 
ATOM   222 O  OP1   . DG  B 1 6 ? -4.058 6.438   2.761   1.00 11.95 ? 12 DG  B OP1   1 
ATOM   223 O  OP2   . DG  B 1 6 ? -5.039 7.371   0.607   1.00 12.34 ? 12 DG  B OP2   1 
ATOM   224 O  "O5'" . DG  B 1 6 ? -3.886 8.874   2.240   1.00 10.38 ? 12 DG  B "O5'" 1 
ATOM   225 C  "C5'" . DG  B 1 6 ? -4.121 9.943   1.346   1.00 10.54 ? 12 DG  B "C5'" 1 
ATOM   226 C  "C4'" . DG  B 1 6 ? -3.835 11.309  1.926   1.00 10.95 ? 12 DG  B "C4'" 1 
ATOM   227 O  "O4'" . DG  B 1 6 ? -2.467 11.410  2.375   1.00 9.47  ? 12 DG  B "O4'" 1 
ATOM   228 C  "C3'" . DG  B 1 6 ? -4.009 12.367  0.845   1.00 12.39 ? 12 DG  B "C3'" 1 
ATOM   229 O  "O3'" . DG  B 1 6 ? -5.305 12.924  0.914   1.00 13.64 ? 12 DG  B "O3'" 1 
ATOM   230 C  "C2'" . DG  B 1 6 ? -2.915 13.389  1.095   1.00 12.08 ? 12 DG  B "C2'" 1 
ATOM   231 C  "C1'" . DG  B 1 6 ? -1.914 12.654  1.975   1.00 9.37  ? 12 DG  B "C1'" 1 
ATOM   232 N  N9    . DG  B 1 6 ? -0.632 12.343  1.353   1.00 8.53  ? 12 DG  B N9    1 
ATOM   233 C  C8    . DG  B 1 6 ? 0.587  12.717  1.849   1.00 8.85  ? 12 DG  B C8    1 
ATOM   234 N  N7    . DG  B 1 6 ? 1.591  12.299  1.137   1.00 8.76  ? 12 DG  B N7    1 
ATOM   235 C  C5    . DG  B 1 6 ? 0.999  11.594  0.102   1.00 7.88  ? 12 DG  B C5    1 
ATOM   236 C  C6    . DG  B 1 6 ? 1.597  10.905  -0.976  1.00 7.65  ? 12 DG  B C6    1 
ATOM   237 O  O6    . DG  B 1 6 ? 2.806  10.784  -1.226  1.00 8.50  ? 12 DG  B O6    1 
ATOM   238 N  N1    . DG  B 1 6 ? 0.637  10.320  -1.806  1.00 7.38  ? 12 DG  B N1    1 
ATOM   239 C  C2    . DG  B 1 6 ? -0.735 10.368  -1.612  1.00 7.20  ? 12 DG  B C2    1 
ATOM   240 N  N2    . DG  B 1 6 ? -1.506 9.726   -2.514  1.00 7.89  ? 12 DG  B N2    1 
ATOM   241 N  N3    . DG  B 1 6 ? -1.306 11.016  -0.594  1.00 7.69  ? 12 DG  B N3    1 
ATOM   242 C  C4    . DG  B 1 6 ? -0.379 11.597  0.219   1.00 7.90  ? 12 DG  B C4    1 
HETATM 243 O  O     . HOH C 2 . ? -4.058 3.155   -5.863  1.00 11.49 ? 7  HOH A O     1 
HETATM 244 O  O     . HOH C 2 . ? -2.887 7.706   -5.652  1.00 14.65 ? 8  HOH A O     1 
HETATM 245 O  O     . HOH C 2 . ? -4.206 5.630   -7.147  1.00 13.75 ? 9  HOH A O     1 
HETATM 246 O  O     . HOH C 2 . ? 2.116  7.566   -10.989 1.00 14.65 ? 10 HOH A O     1 
HETATM 247 O  O     . HOH C 2 . ? -5.127 7.513   -10.655 1.00 17.71 ? 11 HOH A O     1 
HETATM 248 O  O     . HOH C 2 . ? -1.547 -5.948  7.522   1.00 13.68 ? 12 HOH A O     1 
HETATM 249 O  O     . HOH C 2 . ? -7.525 -5.475  11.072  1.00 14.81 ? 13 HOH A O     1 
HETATM 250 O  O     . HOH C 2 . ? -5.018 -4.226  -8.096  1.00 17.01 ? 14 HOH A O     1 
HETATM 251 O  O     . HOH C 2 . ? -4.486 -1.700  1.077   1.00 21.27 ? 15 HOH A O     1 
HETATM 252 O  O     . HOH C 2 . ? -0.491 -2.977  5.121   1.00 24.27 ? 16 HOH A O     1 
HETATM 253 O  O     . HOH C 2 . ? -5.733 -3.407  12.138  1.00 19.63 ? 17 HOH A O     1 
HETATM 254 O  O     . HOH C 2 . ? -6.850 6.417   -7.454  1.00 18.32 ? 18 HOH A O     1 
HETATM 255 O  O     . HOH C 2 . ? 5.402  5.086   -8.872  1.00 18.01 ? 19 HOH A O     1 
HETATM 256 O  O     . HOH C 2 . ? -0.113 -3.555  -6.519  1.00 18.34 ? 20 HOH A O     1 
HETATM 257 O  O     . HOH C 2 . ? -3.496 -1.014  3.457   1.00 20.42 ? 21 HOH A O     1 
HETATM 258 O  O     . HOH C 2 . ? -5.739 3.461   -3.764  1.00 26.94 ? 22 HOH A O     1 
HETATM 259 O  O     . HOH C 2 . ? -1.746 8.220   -12.618 1.00 27.28 ? 23 HOH A O     1 
HETATM 260 O  O     . HOH C 2 . ? -4.804 1.105   0.638   1.00 26.43 ? 24 HOH A O     1 
HETATM 261 O  O     . HOH C 2 . ? -7.426 -3.342  1.750   1.00 27.95 ? 25 HOH A O     1 
HETATM 262 O  O     . HOH C 2 . ? -7.180 -1.952  3.977   1.00 26.05 ? 26 HOH A O     1 
HETATM 263 O  O     . HOH D 2 . ? -0.629 3.507   2.868   1.00 10.26 ? 13 HOH B O     1 
HETATM 264 O  O     . HOH D 2 . ? 4.039  -3.717  4.962   1.00 8.51  ? 14 HOH B O     1 
HETATM 265 O  O     . HOH D 2 . ? 4.279  -5.968  6.466   1.00 9.64  ? 15 HOH B O     1 
HETATM 266 O  O     . HOH D 2 . ? 2.147  -7.681  5.944   1.00 13.08 ? 16 HOH B O     1 
HETATM 267 O  O     . HOH D 2 . ? -2.825 5.993   4.976   1.00 17.07 ? 17 HOH B O     1 
HETATM 268 O  O     . HOH D 2 . ? -4.550 8.788   -1.785  1.00 13.69 ? 18 HOH B O     1 
HETATM 269 O  O     . HOH D 2 . ? -2.101 5.690   -2.665  1.00 13.97 ? 19 HOH B O     1 
HETATM 270 O  O     . HOH D 2 . ? -0.452 6.780   8.287   1.00 18.60 ? 20 HOH B O     1 
HETATM 271 O  O     . HOH D 2 . ? -3.148 3.718   1.956   1.00 19.12 ? 21 HOH B O     1 
HETATM 272 O  O     . HOH D 2 . ? 6.514  -0.275  -1.270  1.00 16.21 ? 22 HOH B O     1 
HETATM 273 O  O     . HOH D 2 . ? 5.170  7.528   6.422   1.00 16.26 ? 23 HOH B O     1 
HETATM 274 O  O     . HOH D 2 . ? 8.908  -10.834 3.199   1.00 17.20 ? 24 HOH B O     1 
HETATM 275 O  O     . HOH D 2 . ? 6.527  -12.175 2.112   1.00 19.14 ? 25 HOH B O     1 
HETATM 276 O  O     . HOH D 2 . ? 0.050  -5.282  3.979   1.00 13.24 ? 26 HOH B O     1 
HETATM 277 O  O     . HOH D 2 . ? 1.916  -2.951  6.338   1.00 19.08 ? 27 HOH B O     1 
HETATM 278 O  O     . HOH D 2 . ? -1.076 1.165   4.113   1.00 19.36 ? 28 HOH B O     1 
HETATM 279 O  O     . HOH D 2 . ? 0.258  4.774   10.039  1.00 19.49 ? 29 HOH B O     1 
HETATM 280 O  O     . HOH D 2 . ? -6.212 7.564   -3.880  1.00 22.74 ? 30 HOH B O     1 
HETATM 281 O  O     . HOH D 2 . ? 8.456  3.345   -1.593  1.00 22.05 ? 31 HOH B O     1 
HETATM 282 O  O     . HOH D 2 . ? 5.982  0.552   6.842   1.00 20.95 ? 32 HOH B O     1 
HETATM 283 O  O     . HOH D 2 . ? -5.529 15.214  -1.009  1.00 19.99 ? 33 HOH B O     1 
HETATM 284 O  O     . HOH D 2 . ? 8.623  1.069   -0.183  1.00 21.00 ? 34 HOH B O     1 
HETATM 285 O  O     . HOH D 2 . ? -0.915 -1.311  2.996   1.00 23.46 ? 35 HOH B O     1 
HETATM 286 O  O     . HOH D 2 . ? 1.628  10.606  6.088   1.00 19.76 ? 36 HOH B O     1 
HETATM 287 O  O     . HOH D 2 . ? 7.734  -2.740  6.881   1.00 21.16 ? 37 HOH B O     1 
HETATM 288 O  O     . HOH D 2 . ? 8.829  0.763   -3.441  1.00 25.88 ? 38 HOH B O     1 
HETATM 289 O  O     . HOH D 2 . ? -0.614 -0.592  7.674   1.00 27.24 ? 39 HOH B O     1 
HETATM 290 O  O     . HOH D 2 . ? 4.106  9.872   4.794   1.00 19.57 ? 40 HOH B O     1 
HETATM 291 O  O     . HOH D 2 . ? -6.526 5.376   3.707   1.00 19.78 ? 41 HOH B O     1 
HETATM 292 O  O     . HOH D 2 . ? 1.580  10.104  8.702   1.00 18.37 ? 42 HOH B O     1 
HETATM 293 O  O     . HOH D 2 . ? 6.907  2.594   -3.410  1.00 19.26 ? 43 HOH B O     1 
HETATM 294 O  O     . HOH D 2 . ? 8.213  -5.283  7.423   1.00 26.55 ? 44 HOH B O     1 
HETATM 295 O  O     . HOH D 2 . ? 7.020  -5.715  9.835   1.00 29.31 ? 45 HOH B O     1 
HETATM 296 O  O     . HOH D 2 . ? 2.249  6.012   11.498  1.00 20.58 ? 46 HOH B O     1 
# 
loop_
_atom_site_anisotrop.id 
_atom_site_anisotrop.type_symbol 
_atom_site_anisotrop.pdbx_label_atom_id 
_atom_site_anisotrop.pdbx_label_alt_id 
_atom_site_anisotrop.pdbx_label_comp_id 
_atom_site_anisotrop.pdbx_label_asym_id 
_atom_site_anisotrop.pdbx_label_seq_id 
_atom_site_anisotrop.pdbx_PDB_ins_code 
_atom_site_anisotrop.U[1][1] 
_atom_site_anisotrop.U[2][2] 
_atom_site_anisotrop.U[3][3] 
_atom_site_anisotrop.U[1][2] 
_atom_site_anisotrop.U[1][3] 
_atom_site_anisotrop.U[2][3] 
_atom_site_anisotrop.pdbx_auth_seq_id 
_atom_site_anisotrop.pdbx_auth_comp_id 
_atom_site_anisotrop.pdbx_auth_asym_id 
_atom_site_anisotrop.pdbx_auth_atom_id 
1   O  "O5'" . DC  A 1 ? 0.1420 0.1185 0.0958 -0.0090 0.0112  -0.0154 1  DC  A "O5'" 
2   C  "C5'" . DC  A 1 ? 0.1231 0.1099 0.0907 -0.0030 0.0108  -0.0194 1  DC  A "C5'" 
3   C  "C4'" . DC  A 1 ? 0.1144 0.0953 0.0701 -0.0082 0.0058  -0.0220 1  DC  A "C4'" 
4   O  "O4'" . DC  A 1 ? 0.1279 0.0799 0.0479 0.0022  0.0119  -0.0315 1  DC  A "O4'" 
5   C  "C3'" . DC  A 1 ? 0.1251 0.1032 0.0869 -0.0035 -0.0025 -0.0173 1  DC  A "C3'" 
6   O  "O3'" . DC  A 1 ? 0.1393 0.1031 0.0920 -0.0029 -0.0164 -0.0285 1  DC  A "O3'" 
7   C  "C2'" . DC  A 1 ? 0.1114 0.0887 0.0822 -0.0034 0.0008  -0.0142 1  DC  A "C2'" 
8   C  "C1'" . DC  A 1 ? 0.0966 0.0772 0.0814 0.0005  0.0016  -0.0158 1  DC  A "C1'" 
9   N  N1    . DC  A 1 ? 0.0839 0.0763 0.0707 0.0043  0.0124  -0.0221 1  DC  A N1    
10  C  C2    . DC  A 1 ? 0.0663 0.0802 0.0511 0.0046  0.0148  -0.0194 1  DC  A C2    
11  O  O2    . DC  A 1 ? 0.0714 0.0992 0.0655 0.0040  0.0046  -0.0220 1  DC  A O2    
12  N  N3    . DC  A 1 ? 0.0707 0.0863 0.0606 0.0031  0.0050  -0.0272 1  DC  A N3    
13  C  C4    . DC  A 1 ? 0.0758 0.0832 0.0803 0.0014  0.0080  -0.0117 1  DC  A C4    
14  N  N4    . DC  A 1 ? 0.0773 0.0943 0.0892 0.0005  0.0022  -0.0157 1  DC  A N4    
15  C  C5    . DC  A 1 ? 0.0844 0.0972 0.0819 0.0032  0.0107  -0.0124 1  DC  A C5    
16  C  C6    . DC  A 1 ? 0.0858 0.0902 0.0762 0.0015  0.0170  -0.0158 1  DC  A C6    
17  P  P     . DG  A 2 ? 0.1643 0.1251 0.1100 -0.0001 -0.0168 -0.0273 2  DG  A P     
18  O  OP1   . DG  A 2 ? 0.1722 0.1361 0.1131 0.0023  -0.0048 -0.0151 2  DG  A OP1   
19  O  OP2   . DG  A 2 ? 0.1632 0.1235 0.1237 -0.0030 0.0087  -0.0186 2  DG  A OP2   
20  O  "O5'" . DG  A 2 ? 0.1495 0.1102 0.0939 -0.0036 -0.0090 -0.0200 2  DG  A "O5'" 
21  C  "C5'" . DG  A 2 ? 0.1240 0.1109 0.0996 -0.0013 -0.0069 -0.0136 2  DG  A "C5'" 
22  C  "C4'" . DG  A 2 ? 0.1346 0.1055 0.0877 -0.0001 -0.0042 -0.0088 2  DG  A "C4'" 
23  O  "O4'" . DG  A 2 ? 0.1400 0.0956 0.0709 0.0033  0.0022  -0.0272 2  DG  A "O4'" 
24  C  "C3'" . DG  A 2 ? 0.1277 0.1031 0.0914 -0.0101 -0.0081 -0.0087 2  DG  A "C3'" 
25  O  "O3'" . DG  A 2 ? 0.1554 0.1186 0.0980 -0.0256 -0.0238 -0.0135 2  DG  A "O3'" 
26  C  "C2'" . DG  A 2 ? 0.1264 0.1023 0.0909 -0.0051 -0.0079 -0.0149 2  DG  A "C2'" 
27  C  "C1'" . DG  A 2 ? 0.1173 0.0967 0.0742 0.0042  0.0039  -0.0218 2  DG  A "C1'" 
28  N  N9    . DG  A 2 ? 0.1206 0.0894 0.0585 0.0103  0.0051  -0.0196 2  DG  A N9    
29  C  C8    . DG  A 2 ? 0.1135 0.0939 0.0767 0.0126  0.0114  -0.0182 2  DG  A C8    
30  N  N7    . DG  A 2 ? 0.1053 0.0919 0.0747 0.0129  0.0161  -0.0179 2  DG  A N7    
31  C  C5    . DG  A 2 ? 0.0975 0.0791 0.0659 0.0178  0.0140  -0.0188 2  DG  A C5    
32  C  C6    . DG  A 2 ? 0.0871 0.0797 0.0608 0.0093  0.0164  -0.0193 2  DG  A C6    
33  O  O6    . DG  A 2 ? 0.0913 0.1013 0.0680 0.0112  0.0107  -0.0227 2  DG  A O6    
34  N  N1    . DG  A 2 ? 0.0831 0.0765 0.0617 0.0045  0.0055  -0.0162 2  DG  A N1    
35  C  C2    . DG  A 2 ? 0.0902 0.0816 0.0558 -0.0002 0.0064  -0.0179 2  DG  A C2    
36  N  N2    . DG  A 2 ? 0.0970 0.0873 0.0727 0.0043  0.0091  -0.0246 2  DG  A N2    
37  N  N3    . DG  A 2 ? 0.1031 0.0852 0.0541 -0.0029 0.0094  -0.0244 2  DG  A N3    
38  C  C4    . DG  A 2 ? 0.1066 0.0698 0.0610 0.0098  0.0133  -0.0193 2  DG  A C4    
39  P  P     . DC  A 3 ? 0.1696 0.1549 0.1329 -0.0379 -0.0487 -0.0078 3  DC  A P     
40  O  OP1   . DC  A 3 ? 0.1670 0.1633 0.1526 -0.0299 -0.0328 -0.0094 3  DC  A OP1   
41  O  OP2   . DC  A 3 ? 0.1603 0.1793 0.1524 -0.0111 -0.0315 -0.0061 3  DC  A OP2   
42  O  "O5'" . DC  A 3 ? 0.1315 0.1310 0.1181 -0.0243 -0.0277 -0.0039 3  DC  A "O5'" 
43  C  "C5'" . DC  A 3 ? 0.1284 0.1336 0.1255 -0.0146 -0.0102 -0.0017 3  DC  A "C5'" 
44  C  "C4'" . DC  A 3 ? 0.1277 0.1333 0.1263 -0.0104 -0.0065 -0.0011 3  DC  A "C4'" 
45  O  "O4'" . DC  A 3 ? 0.1292 0.1145 0.1140 -0.0215 -0.0198 -0.0069 3  DC  A "O4'" 
46  C  "C3'" . DC  A 3 ? 0.1347 0.1329 0.1386 -0.0157 -0.0093 -0.0084 3  DC  A "C3'" 
47  O  "O3'" . DC  A 3 ? 0.1498 0.1459 0.1666 -0.0203 -0.0014 -0.0196 3  DC  A "O3'" 
48  C  "C2'" . DC  A 3 ? 0.1247 0.1285 0.1271 -0.0094 -0.0066 -0.0047 3  DC  A "C2'" 
49  C  "C1'" . DC  A 3 ? 0.1283 0.1160 0.1119 -0.0124 -0.0039 -0.0037 3  DC  A "C1'" 
50  N  N1    . DC  A 3 ? 0.1194 0.1051 0.0944 -0.0097 -0.0157 -0.0041 3  DC  A N1    
51  C  C2    . DC  A 3 ? 0.1163 0.1029 0.0891 -0.0109 -0.0129 -0.0041 3  DC  A C2    
52  O  O2    . DC  A 3 ? 0.1052 0.1078 0.0930 -0.0200 -0.0111 -0.0100 3  DC  A O2    
53  N  N3    . DC  A 3 ? 0.1131 0.0894 0.0784 -0.0092 -0.0107 -0.0006 3  DC  A N3    
54  C  C4    . DC  A 3 ? 0.1227 0.1002 0.0817 -0.0058 -0.0068 -0.0001 3  DC  A C4    
55  N  N4    . DC  A 3 ? 0.1202 0.1072 0.0932 0.0006  -0.0029 -0.0019 3  DC  A N4    
56  C  C5    . DC  A 3 ? 0.1290 0.0999 0.0940 -0.0058 -0.0085 -0.0026 3  DC  A C5    
57  C  C6    . DC  A 3 ? 0.1315 0.1095 0.0934 -0.0083 -0.0104 -0.0039 3  DC  A C6    
58  P  P     . DG  A 4 ? 0.1609 0.1769 0.2273 -0.0362 0.0007  -0.0244 4  DG  A P     
59  O  OP1   . DG  A 4 ? 0.1813 0.1947 0.2268 -0.0194 0.0086  -0.0112 4  DG  A OP1   
60  O  OP2   . DG  A 4 ? 0.1995 0.2125 0.2273 -0.0202 0.0071  -0.0152 4  DG  A OP2   
61  O  "O5'" . DG  A 4 ? 0.1513 0.1527 0.1848 -0.0193 -0.0030 -0.0143 4  DG  A "O5'" 
62  C  "C5'" . DG  A 4 ? 0.1454 0.1570 0.1619 -0.0167 -0.0054 -0.0100 4  DG  A "C5'" 
63  C  "C4'" . DG  A 4 ? 0.1336 0.1458 0.1521 -0.0138 -0.0133 -0.0068 4  DG  A "C4'" 
64  O  "O4'" . DG  A 4 ? 0.1395 0.1355 0.1367 -0.0108 -0.0250 -0.0043 4  DG  A "O4'" 
65  C  "C3'" . DG  A 4 ? 0.1255 0.1534 0.1504 -0.0094 -0.0110 -0.0035 4  DG  A "C3'" 
66  O  "O3'" . DG  A 4 ? 0.1176 0.1699 0.1734 -0.0075 -0.0114 -0.0035 4  DG  A "O3'" 
67  C  "C2'" . DG  A 4 ? 0.1432 0.1474 0.1528 -0.0076 -0.0061 -0.0028 4  DG  A "C2'" 
68  C  "C1'" . DG  A 4 ? 0.1438 0.1397 0.1376 -0.0069 -0.0146 -0.0046 4  DG  A "C1'" 
69  N  N9    . DG  A 4 ? 0.1407 0.1247 0.1251 -0.0127 -0.0194 -0.0051 4  DG  A N9    
70  C  C8    . DG  A 4 ? 0.1405 0.1384 0.1342 -0.0058 -0.0123 -0.0036 4  DG  A C8    
71  N  N7    . DG  A 4 ? 0.1433 0.1403 0.1270 -0.0117 -0.0155 -0.0102 4  DG  A N7    
72  C  C5    . DG  A 4 ? 0.1385 0.1298 0.1250 -0.0162 -0.0196 -0.0073 4  DG  A C5    
73  C  C6    . DG  A 4 ? 0.1339 0.1305 0.1204 -0.0095 -0.0183 -0.0046 4  DG  A C6    
74  O  O6    . DG  A 4 ? 0.1435 0.1467 0.1265 -0.0125 -0.0144 -0.0059 4  DG  A O6    
75  N  N1    . DG  A 4 ? 0.1330 0.1263 0.1187 -0.0119 -0.0102 0.0032  4  DG  A N1    
76  C  C2    . DG  A 4 ? 0.1335 0.1401 0.1256 -0.0073 -0.0118 0.0013  4  DG  A C2    
77  N  N2    . DG  A 4 ? 0.1329 0.1326 0.1248 -0.0133 -0.0106 0.0015  4  DG  A N2    
78  N  N3    . DG  A 4 ? 0.1320 0.1235 0.1229 -0.0175 -0.0167 0.0008  4  DG  A N3    
79  C  C4    . DG  A 4 ? 0.1272 0.1267 0.1248 -0.0130 -0.0227 -0.0021 4  DG  A C4    
80  N  N1    . BRU A 5 ? 0.0898 0.1364 0.1415 -0.0048 -0.0120 0.0097  5  BRU A N1    
81  C  C2    . BRU A 5 ? 0.0901 0.1355 0.1465 -0.0059 -0.0100 0.0056  5  BRU A C2    
82  N  N3    . BRU A 5 ? 0.1018 0.1384 0.1345 -0.0090 -0.0150 0.0047  5  BRU A N3    
83  C  C4    . BRU A 5 ? 0.1016 0.1347 0.1374 -0.0090 -0.0084 0.0039  5  BRU A C4    
84  C  C5    . BRU A 5 ? 0.0978 0.1481 0.1474 -0.0064 -0.0130 0.0071  5  BRU A C5    
85  C  C6    . BRU A 5 ? 0.0951 0.1308 0.1449 -0.0099 -0.0075 0.0057  5  BRU A C6    
86  O  O2    . BRU A 5 ? 0.0862 0.1380 0.1348 -0.0038 -0.0044 0.0066  5  BRU A O2    
87  O  O4    . BRU A 5 ? 0.1150 0.1479 0.1385 -0.0044 -0.0132 0.0024  5  BRU A O4    
88  BR BR    . BRU A 5 ? 0.1555 0.2177 0.2248 -0.0224 -0.0422 -0.0173 5  BRU A BR    
89  C  "C1'" . BRU A 5 ? 0.0909 0.1348 0.1418 -0.0091 -0.0076 0.0083  5  BRU A "C1'" 
90  C  "C2'" . BRU A 5 ? 0.1031 0.1321 0.1247 -0.0069 -0.0001 -0.0026 5  BRU A "C2'" 
91  C  "C3'" . BRU A 5 ? 0.1166 0.1326 0.1261 -0.0048 0.0021  0.0004  5  BRU A "C3'" 
92  C  "C4'" . BRU A 5 ? 0.1243 0.1337 0.1312 -0.0029 0.0013  0.0032  5  BRU A "C4'" 
93  O  "O3'" . BRU A 5 ? 0.1277 0.1456 0.1309 -0.0045 0.0081  0.0033  5  BRU A "O3'" 
94  O  "O4'" . BRU A 5 ? 0.0821 0.1378 0.1435 -0.0097 0.0087  0.0127  5  BRU A "O4'" 
95  C  "C5'" . BRU A 5 ? 0.1107 0.1323 0.1393 -0.0034 0.0025  0.0005  5  BRU A "C5'" 
96  O  "O5'" . BRU A 5 ? 0.0999 0.1427 0.1458 -0.0026 -0.0088 -0.0039 5  BRU A "O5'" 
97  P  P     . BRU A 5 ? 0.1146 0.1802 0.1741 -0.0267 -0.0167 -0.0183 5  BRU A P     
98  O  OP1   . BRU A 5 ? 0.1684 0.1826 0.1821 -0.0096 -0.0020 -0.0079 5  BRU A OP1   
99  O  OP2   . BRU A 5 ? 0.1403 0.1903 0.1834 -0.0157 -0.0049 -0.0084 5  BRU A OP2   
100 P  P     . DG  A 6 ? 0.1779 0.1535 0.1426 0.0116  0.0041  -0.0016 6  DG  A P     
101 O  OP1   . DG  A 6 ? 0.1864 0.1682 0.1743 0.0162  0.0034  0.0064  6  DG  A OP1   
102 O  OP2   . DG  A 6 ? 0.1868 0.1679 0.1247 -0.0123 0.0186  -0.0080 6  DG  A OP2   
103 O  "O5'" . DG  A 6 ? 0.1532 0.1732 0.1551 0.0131  0.0068  -0.0010 6  DG  A "O5'" 
104 C  "C5'" . DG  A 6 ? 0.1502 0.1623 0.1568 0.0021  0.0074  0.0000  6  DG  A "C5'" 
105 C  "C4'" . DG  A 6 ? 0.1506 0.1694 0.1644 0.0023  0.0108  -0.0012 6  DG  A "C4'" 
106 O  "O4'" . DG  A 6 ? 0.1457 0.1764 0.1665 0.0058  0.0077  0.0009  6  DG  A "O4'" 
107 C  "C3'" . DG  A 6 ? 0.1584 0.1757 0.1637 -0.0014 0.0112  0.0026  6  DG  A "C3'" 
108 O  "O3'" . DG  A 6 ? 0.1701 0.2045 0.1848 -0.0092 0.0272  0.0031  6  DG  A "O3'" 
109 C  "C2'" . DG  A 6 ? 0.1561 0.1711 0.1597 -0.0020 0.0063  0.0027  6  DG  A "C2'" 
110 C  "C1'" . DG  A 6 ? 0.1527 0.1635 0.1567 -0.0020 0.0041  0.0004  6  DG  A "C1'" 
111 N  N9    . DG  A 6 ? 0.1576 0.1650 0.1540 -0.0036 0.0053  0.0051  6  DG  A N9    
112 C  C8    . DG  A 6 ? 0.1537 0.1606 0.1533 -0.0035 0.0008  0.0024  6  DG  A C8    
113 N  N7    . DG  A 6 ? 0.1583 0.1591 0.1539 -0.0056 0.0011  0.0047  6  DG  A N7    
114 C  C5    . DG  A 6 ? 0.1530 0.1547 0.1488 0.0001  0.0012  0.0085  6  DG  A C5    
115 C  C6    . DG  A 6 ? 0.1572 0.1512 0.1498 -0.0003 0.0048  0.0054  6  DG  A C6    
116 O  O6    . DG  A 6 ? 0.1607 0.1584 0.1504 -0.0002 -0.0019 0.0005  6  DG  A O6    
117 N  N1    . DG  A 6 ? 0.1534 0.1540 0.1498 0.0047  -0.0012 0.0047  6  DG  A N1    
118 C  C2    . DG  A 6 ? 0.1503 0.1476 0.1474 0.0043  0.0040  0.0065  6  DG  A C2    
119 N  N2    . DG  A 6 ? 0.1487 0.1523 0.1415 0.0046  0.0004  0.0063  6  DG  A N2    
120 N  N3    . DG  A 6 ? 0.1525 0.1521 0.1376 0.0032  0.0043  0.0128  6  DG  A N3    
121 C  C4    . DG  A 6 ? 0.1524 0.1483 0.1463 -0.0048 0.0098  0.0116  6  DG  A C4    
122 O  "O5'" . DC  B 1 ? 0.1574 0.1458 0.1349 -0.0002 0.0115  -0.0124 7  DC  B "O5'" 
123 C  "C5'" . DC  B 1 ? 0.1405 0.1361 0.1241 -0.0001 0.0085  -0.0042 7  DC  B "C5'" 
124 C  "C4'" . DC  B 1 ? 0.1257 0.1166 0.1085 -0.0018 0.0061  0.0018  7  DC  B "C4'" 
125 O  "O4'" . DC  B 1 ? 0.1320 0.1211 0.1055 0.0051  0.0133  -0.0029 7  DC  B "O4'" 
126 C  "C3'" . DC  B 1 ? 0.1113 0.1121 0.1017 0.0052  0.0097  -0.0044 7  DC  B "C3'" 
127 O  "O3'" . DC  B 1 ? 0.0947 0.1181 0.0968 0.0136  0.0091  -0.0057 7  DC  B "O3'" 
128 C  "C2'" . DC  B 1 ? 0.1094 0.1130 0.1079 0.0028  0.0061  0.0011  7  DC  B "C2'" 
129 C  "C1'" . DC  B 1 ? 0.1232 0.1166 0.1114 0.0048  0.0039  0.0001  7  DC  B "C1'" 
130 N  N1    . DC  B 1 ? 0.1274 0.1154 0.1071 0.0032  -0.0007 0.0046  7  DC  B N1    
131 C  C2    . DC  B 1 ? 0.1135 0.1096 0.1072 0.0005  -0.0052 0.0049  7  DC  B C2    
132 O  O2    . DC  B 1 ? 0.1148 0.1262 0.1172 -0.0001 -0.0043 -0.0056 7  DC  B O2    
133 N  N3    . DC  B 1 ? 0.1135 0.1204 0.1172 -0.0017 -0.0107 -0.0001 7  DC  B N3    
134 C  C4    . DC  B 1 ? 0.1237 0.1184 0.1183 0.0035  -0.0023 0.0015  7  DC  B C4    
135 N  N4    . DC  B 1 ? 0.1335 0.1285 0.1265 0.0015  -0.0094 -0.0028 7  DC  B N4    
136 C  C5    . DC  B 1 ? 0.1313 0.1268 0.1220 0.0021  -0.0005 -0.0019 7  DC  B C5    
137 C  C6    . DC  B 1 ? 0.1255 0.1210 0.1194 0.0068  0.0052  -0.0044 7  DC  B C6    
138 P  P     . DG  B 2 ? 0.0996 0.1335 0.1042 0.0154  0.0081  -0.0050 8  DG  B P     
139 O  OP1   . DG  B 2 ? 0.1371 0.1396 0.1276 0.0175  -0.0020 0.0019  8  DG  B OP1   
140 O  OP2   . DG  B 2 ? 0.1228 0.1416 0.1039 0.0116  0.0024  -0.0070 8  DG  B OP2   
141 O  "O5'" . DG  B 2 ? 0.0931 0.1232 0.1109 0.0037  0.0012  -0.0012 8  DG  B "O5'" 
142 C  "C5'" . DG  B 2 ? 0.0806 0.1136 0.1031 0.0051  0.0039  -0.0091 8  DG  B "C5'" 
143 C  "C4'" . DG  B 2 ? 0.0691 0.1149 0.1011 0.0005  -0.0014 -0.0058 8  DG  B "C4'" 
144 O  "O4'" . DG  B 2 ? 0.0835 0.1230 0.0993 0.0064  0.0065  -0.0049 8  DG  B "O4'" 
145 C  "C3'" . DG  B 2 ? 0.0651 0.1064 0.0996 -0.0045 0.0025  -0.0098 8  DG  B "C3'" 
146 O  "O3'" . DG  B 2 ? 0.0670 0.1207 0.1068 -0.0068 -0.0060 -0.0106 8  DG  B "O3'" 
147 C  "C2'" . DG  B 2 ? 0.0605 0.1079 0.0961 -0.0023 -0.0023 -0.0087 8  DG  B "C2'" 
148 C  "C1'" . DG  B 2 ? 0.0691 0.1080 0.0928 -0.0016 0.0068  -0.0055 8  DG  B "C1'" 
149 N  N9    . DG  B 2 ? 0.0673 0.1034 0.0822 0.0018  0.0097  -0.0070 8  DG  B N9    
150 C  C8    . DG  B 2 ? 0.0779 0.1058 0.0833 0.0026  0.0077  -0.0095 8  DG  B C8    
151 N  N7    . DG  B 2 ? 0.0858 0.1085 0.0795 -0.0028 0.0052  -0.0116 8  DG  B N7    
152 C  C5    . DG  B 2 ? 0.0762 0.1040 0.0790 0.0000  0.0033  -0.0122 8  DG  B C5    
153 C  C6    . DG  B 2 ? 0.0796 0.0995 0.0783 -0.0042 0.0000  -0.0097 8  DG  B C6    
154 O  O6    . DG  B 2 ? 0.0864 0.1168 0.0908 -0.0134 -0.0013 -0.0113 8  DG  B O6    
155 N  N1    . DG  B 2 ? 0.0613 0.0963 0.0820 -0.0049 0.0087  -0.0061 8  DG  B N1    
156 C  C2    . DG  B 2 ? 0.0698 0.0967 0.0734 0.0024  0.0010  -0.0079 8  DG  B C2    
157 N  N2    . DG  B 2 ? 0.0662 0.0981 0.0821 -0.0003 0.0109  -0.0122 8  DG  B N2    
158 N  N3    . DG  B 2 ? 0.0563 0.0965 0.0734 0.0000  0.0026  -0.0064 8  DG  B N3    
159 C  C4    . DG  B 2 ? 0.0601 0.0986 0.0784 0.0000  0.0086  -0.0114 8  DG  B C4    
160 P  P     . DC  B 3 ? 0.0821 0.1410 0.1008 -0.0209 -0.0089 -0.0168 9  DC  B P     
161 O  OP1   . DC  B 3 ? 0.0945 0.1468 0.1198 -0.0266 -0.0125 -0.0123 9  DC  B OP1   
162 O  OP2   . DC  B 3 ? 0.1095 0.1520 0.1040 -0.0172 -0.0022 -0.0113 9  DC  B OP2   
163 O  "O5'" . DC  B 3 ? 0.0651 0.1056 0.1049 -0.0119 -0.0113 -0.0147 9  DC  B "O5'" 
164 C  "C5'" . DC  B 3 ? 0.0895 0.0977 0.0943 -0.0094 -0.0061 -0.0040 9  DC  B "C5'" 
165 C  "C4'" . DC  B 3 ? 0.0903 0.0901 0.0980 -0.0007 0.0009  -0.0036 9  DC  B "C4'" 
166 O  "O4'" . DC  B 3 ? 0.0841 0.0920 0.0971 -0.0073 -0.0024 0.0073  9  DC  B "O4'" 
167 C  "C3'" . DC  B 3 ? 0.1008 0.1066 0.1024 0.0022  0.0074  -0.0024 9  DC  B "C3'" 
168 O  "O3'" . DC  B 3 ? 0.1256 0.1472 0.1120 0.0102  0.0210  -0.0048 9  DC  B "O3'" 
169 C  "C2'" . DC  B 3 ? 0.0948 0.1096 0.1063 -0.0017 0.0017  0.0039  9  DC  B "C2'" 
170 C  "C1'" . DC  B 3 ? 0.0888 0.1018 0.1045 -0.0031 -0.0005 0.0014  9  DC  B "C1'" 
171 N  N1    . DC  B 3 ? 0.0879 0.1018 0.0980 -0.0039 -0.0087 0.0057  9  DC  B N1    
172 C  C2    . DC  B 3 ? 0.0946 0.1091 0.1004 -0.0109 -0.0061 0.0034  9  DC  B C2    
173 O  O2    . DC  B 3 ? 0.0961 0.1265 0.1096 -0.0102 -0.0054 0.0056  9  DC  B O2    
174 N  N3    . DC  B 3 ? 0.0981 0.1044 0.1004 -0.0098 -0.0126 0.0063  9  DC  B N3    
175 C  C4    . DC  B 3 ? 0.1118 0.1053 0.0994 -0.0014 -0.0093 0.0048  9  DC  B C4    
176 N  N4    . DC  B 3 ? 0.1225 0.1158 0.1053 -0.0001 -0.0007 -0.0003 9  DC  B N4    
177 C  C5    . DC  B 3 ? 0.0963 0.1061 0.0936 -0.0002 -0.0069 -0.0017 9  DC  B C5    
178 C  C6    . DC  B 3 ? 0.0910 0.1045 0.0964 -0.0051 -0.0125 -0.0014 9  DC  B C6    
179 P  P     . DG  B 4 ? 0.1690 0.1686 0.1178 0.0074  0.0312  -0.0140 10 DG  B P     
180 O  OP1   . DG  B 4 ? 0.1824 0.1853 0.1371 0.0131  0.0165  -0.0065 10 DG  B OP1   
181 O  OP2   . DG  B 4 ? 0.1659 0.1725 0.1391 0.0127  0.0272  -0.0077 10 DG  B OP2   
182 O  "O5'" . DG  B 4 ? 0.1512 0.1632 0.1271 0.0085  0.0140  -0.0122 10 DG  B "O5'" 
183 C  "C5'" . DG  B 4 ? 0.1330 0.1507 0.1262 0.0033  0.0044  -0.0106 10 DG  B "C5'" 
184 C  "C4'" . DG  B 4 ? 0.1202 0.1303 0.1104 0.0102  0.0005  -0.0129 10 DG  B "C4'" 
185 O  "O4'" . DG  B 4 ? 0.1054 0.1162 0.1082 0.0104  -0.0061 -0.0185 10 DG  B "O4'" 
186 C  "C3'" . DG  B 4 ? 0.1180 0.1185 0.1055 0.0101  -0.0047 -0.0182 10 DG  B "C3'" 
187 O  "O3'" . DG  B 4 ? 0.1201 0.1390 0.1042 0.0304  -0.0106 -0.0345 10 DG  B "O3'" 
188 C  "C2'" . DG  B 4 ? 0.1152 0.1153 0.1106 0.0084  -0.0066 -0.0126 10 DG  B "C2'" 
189 C  "C1'" . DG  B 4 ? 0.0945 0.1069 0.0878 0.0020  -0.0060 -0.0183 10 DG  B "C1'" 
190 N  N9    . DG  B 4 ? 0.0732 0.0966 0.0839 -0.0004 -0.0041 -0.0173 10 DG  B N9    
191 C  C8    . DG  B 4 ? 0.0762 0.1023 0.0934 0.0003  -0.0003 -0.0067 10 DG  B C8    
192 N  N7    . DG  B 4 ? 0.0685 0.1029 0.0861 -0.0037 0.0011  -0.0059 10 DG  B N7    
193 C  C5    . DG  B 4 ? 0.0723 0.0925 0.0758 -0.0001 -0.0042 -0.0141 10 DG  B C5    
194 C  C6    . DG  B 4 ? 0.0793 0.0868 0.0718 0.0002  0.0024  -0.0118 10 DG  B C6    
195 O  O6    . DG  B 4 ? 0.0941 0.1069 0.0842 0.0076  0.0081  -0.0169 10 DG  B O6    
196 N  N1    . DG  B 4 ? 0.0786 0.0890 0.0760 0.0034  0.0001  -0.0137 10 DG  B N1    
197 C  C2    . DG  B 4 ? 0.0702 0.0785 0.0747 0.0063  0.0034  -0.0175 10 DG  B C2    
198 N  N2    . DG  B 4 ? 0.0747 0.0948 0.0830 0.0024  -0.0014 -0.0138 10 DG  B N2    
199 N  N3    . DG  B 4 ? 0.0738 0.0823 0.0733 0.0045  -0.0002 -0.0111 10 DG  B N3    
200 C  C4    . DG  B 4 ? 0.0771 0.0837 0.0793 0.0009  -0.0016 -0.0117 10 DG  B C4    
201 N  N1    . BRU B 5 ? 0.0752 0.0968 0.0848 -0.0040 -0.0010 -0.0235 11 BRU B N1    
202 C  C2    . BRU B 5 ? 0.0783 0.1040 0.0835 0.0006  0.0054  -0.0239 11 BRU B C2    
203 N  N3    . BRU B 5 ? 0.0691 0.1032 0.0962 -0.0051 0.0072  -0.0129 11 BRU B N3    
204 C  C4    . BRU B 5 ? 0.0834 0.1124 0.0994 -0.0017 0.0055  -0.0098 11 BRU B C4    
205 C  C5    . BRU B 5 ? 0.0963 0.1117 0.1095 -0.0049 -0.0032 -0.0148 11 BRU B C5    
206 C  C6    . BRU B 5 ? 0.0859 0.1005 0.0947 -0.0078 -0.0038 -0.0165 11 BRU B C6    
207 O  O2    . BRU B 5 ? 0.0780 0.0997 0.0743 0.0070  0.0082  -0.0225 11 BRU B O2    
208 O  O4    . BRU B 5 ? 0.0750 0.1236 0.1061 -0.0049 0.0039  -0.0060 11 BRU B O4    
209 BR BR    . BRU B 5 ? 0.1240 0.2047 0.2205 -0.0218 -0.0311 -0.0432 11 BRU B BR    
210 C  "C1'" . BRU B 5 ? 0.0860 0.1015 0.0866 0.0042  0.0024  -0.0168 11 BRU B "C1'" 
211 C  "C2'" . BRU B 5 ? 0.0903 0.1025 0.0916 0.0037  0.0028  -0.0092 11 BRU B "C2'" 
212 C  "C3'" . BRU B 5 ? 0.1028 0.1142 0.0969 0.0096  0.0030  -0.0072 11 BRU B "C3'" 
213 C  "C4'" . BRU B 5 ? 0.1054 0.1126 0.0952 0.0114  0.0017  -0.0133 11 BRU B "C4'" 
214 O  "O3'" . BRU B 5 ? 0.1043 0.1325 0.1002 0.0127  0.0098  -0.0057 11 BRU B "O3'" 
215 O  "O4'" . BRU B 5 ? 0.0887 0.0932 0.0893 0.0035  0.0006  -0.0278 11 BRU B "O4'" 
216 C  "C5'" . BRU B 5 ? 0.1129 0.1169 0.1046 0.0098  -0.0048 -0.0150 11 BRU B "C5'" 
217 O  "O5'" . BRU B 5 ? 0.1128 0.1422 0.0965 0.0269  -0.0037 -0.0324 11 BRU B "O5'" 
218 P  P     . BRU B 5 ? 0.1293 0.1612 0.0929 0.0331  -0.0115 -0.0481 11 BRU B P     
219 O  OP1   . BRU B 5 ? 0.1545 0.1559 0.1003 0.0324  0.0074  -0.0340 11 BRU B OP1   
220 O  OP2   . BRU B 5 ? 0.1302 0.1653 0.1302 0.0163  -0.0103 -0.0208 11 BRU B OP2   
221 P  P     . DG  B 6 ? 0.1025 0.1756 0.1368 0.0150  0.0214  0.0075  12 DG  B P     
222 O  OP1   . DG  B 6 ? 0.1284 0.1771 0.1486 0.0134  0.0148  0.0101  12 DG  B OP1   
223 O  OP2   . DG  B 6 ? 0.1255 0.1848 0.1584 0.0009  0.0034  -0.0002 12 DG  B OP2   
224 O  "O5'" . DG  B 6 ? 0.1117 0.1568 0.1258 0.0151  0.0134  0.0031  12 DG  B "O5'" 
225 C  "C5'" . DG  B 6 ? 0.1269 0.1453 0.1281 0.0073  0.0063  -0.0060 12 DG  B "C5'" 
226 C  "C4'" . DG  B 6 ? 0.1386 0.1486 0.1289 0.0065  0.0086  -0.0108 12 DG  B "C4'" 
227 O  "O4'" . DG  B 6 ? 0.1356 0.1376 0.0866 0.0136  0.0164  -0.0236 12 DG  B "O4'" 
228 C  "C3'" . DG  B 6 ? 0.1610 0.1637 0.1462 0.0063  0.0022  -0.0003 12 DG  B "C3'" 
229 O  "O3'" . DG  B 6 ? 0.1757 0.1896 0.1530 0.0130  0.0016  -0.0097 12 DG  B "O3'" 
230 C  "C2'" . DG  B 6 ? 0.1566 0.1540 0.1484 0.0095  0.0069  -0.0022 12 DG  B "C2'" 
231 C  "C1'" . DG  B 6 ? 0.1231 0.1259 0.1070 0.0097  0.0140  -0.0213 12 DG  B "C1'" 
232 N  N9    . DG  B 6 ? 0.1197 0.1106 0.0936 0.0109  0.0110  -0.0287 12 DG  B N9    
233 C  C8    . DG  B 6 ? 0.1181 0.1160 0.1018 0.0043  0.0039  -0.0189 12 DG  B C8    
234 N  N7    . DG  B 6 ? 0.1178 0.1147 0.1002 -0.0034 0.0001  -0.0315 12 DG  B N7    
235 C  C5    . DG  B 6 ? 0.1160 0.0990 0.0842 0.0048  0.0061  -0.0331 12 DG  B C5    
236 C  C6    . DG  B 6 ? 0.1062 0.1000 0.0842 0.0057  0.0055  -0.0255 12 DG  B C6    
237 O  O6    . DG  B 6 ? 0.1041 0.1166 0.1021 0.0008  -0.0020 -0.0269 12 DG  B O6    
238 N  N1    . DG  B 6 ? 0.0952 0.1053 0.0797 0.0081  0.0057  -0.0202 12 DG  B N1    
239 C  C2    . DG  B 6 ? 0.0904 0.1000 0.0831 0.0082  0.0022  -0.0168 12 DG  B C2    
240 N  N2    . DG  B 6 ? 0.0974 0.1142 0.0880 0.0077  -0.0025 -0.0188 12 DG  B N2    
241 N  N3    . DG  B 6 ? 0.1071 0.1053 0.0797 0.0131  0.0098  -0.0222 12 DG  B N3    
242 C  C4    . DG  B 6 ? 0.1175 0.0975 0.0852 0.0100  0.0096  -0.0302 12 DG  B C4    
# 
